data_5N4A
#
_entry.id   5N4A
#
_cell.length_a   82.778
_cell.length_b   195.403
_cell.length_c   117.455
_cell.angle_alpha   90.00
_cell.angle_beta   90.00
_cell.angle_gamma   90.00
#
_symmetry.space_group_name_H-M   'C 2 2 21'
#
loop_
_entity.id
_entity.type
_entity.pdbx_description
1 polymer 'Intraflagellar transport protein 80'
2 non-polymer GLYCEROL
3 non-polymer 'OXALATE ION'
4 water water
#
_entity_poly.entity_id   1
_entity_poly.type   'polypeptide(L)'
_entity_poly.pdbx_seq_one_letter_code
;MRLKVKQSSANVHSELTAAVGWNVWNELFTCSDDQTIHKWNMLGEPEQKVSTLDAYFTDMHWYPVSSKKTQAGGTDVFAV
ACTDGSVKILSRTGRVEKSIEGHKGACISLRWSYDGTALATAGEDGSVKIWSRNGMLRSTLAQADSPVYSIVWAYDCDQL
CYCTGSNVVIKSLSSNAKQNAWKAHDGVVLKVDWSPINHLIITGGEDCKYKVWDSFGRLLFQSGLFDYPVTSVAWAPSGE
LFAVGGFNTLQLCDRMGWAYSKIHLNDTGSIMTLSWTADSTQLAGGGGSGGVVFGQVVDLALEDGKMQVTVVDDMRIVVN
DILNENADELPEFRDRVIKVSLGYGYLIVATATQCHVYNTTNLGTPHIFDLKDTVTLLLQAERHFLLLDNSAGIQIYTYE
GRQICNPRFQGLRTELLNAQMITLSNDTIAVLDQQASGTTVRFFDTAQGRPVGEPWQHTLEVKEIALSQAGTINDRQLIV
IDRNRDLYLLPVMKRHVAKLAAMCDSARWHDSTAMLSAMVDQRLCVWYYPSEVYVDKDLLAKTRYTKSDSDFGKSAQIQL
FAGNRCLVRRSDGVLVSAATSPYPAVLYDMIRKQQWDKATRLCRFIKDPTMWATLAAMAMAAKELNTAEVAFAAIDEVDK
THFVRKVKQIPTEEGRNAELAVYRRKPEEGESILLQAGLVFRAIKLNIKLFNWERALDLATQHKQHQDTVLWYRQQFLKN
AKLAESITRFMQMNESVVVDQAAVKKKIEEERIKESQRPGAKRYVHHHHHH
;
_entity_poly.pdbx_strand_id   A
#
# COMPACT_ATOMS: atom_id res chain seq x y z
N MET A 1 -2.58 1.00 -15.58
CA MET A 1 -2.23 2.41 -15.44
C MET A 1 -0.84 2.69 -15.98
N ARG A 2 -0.50 3.97 -16.06
CA ARG A 2 0.77 4.39 -16.62
C ARG A 2 1.14 5.76 -16.09
N LEU A 3 2.36 6.18 -16.35
CA LEU A 3 2.79 7.55 -16.08
C LEU A 3 2.64 8.41 -17.30
N LYS A 4 1.80 9.42 -17.23
CA LYS A 4 1.72 10.43 -18.26
C LYS A 4 2.73 11.52 -17.92
N VAL A 5 3.71 11.70 -18.80
CA VAL A 5 4.85 12.57 -18.53
C VAL A 5 4.83 13.86 -19.35
N LYS A 6 5.25 14.94 -18.70
CA LYS A 6 5.40 16.24 -19.34
C LYS A 6 6.74 16.86 -18.93
N GLN A 7 7.54 17.28 -19.92
CA GLN A 7 8.84 17.87 -19.59
C GLN A 7 8.82 19.40 -19.69
N SER A 8 9.49 20.04 -18.73
CA SER A 8 9.52 21.49 -18.61
C SER A 8 9.88 22.21 -19.90
N GLU A 15 23.26 24.18 -15.25
CA GLU A 15 22.41 23.35 -16.10
C GLU A 15 21.54 22.42 -15.25
N LEU A 16 22.21 21.56 -14.50
CA LEU A 16 21.57 20.54 -13.65
C LEU A 16 20.37 21.01 -12.82
N THR A 17 19.33 20.18 -12.75
CA THR A 17 18.27 20.35 -11.75
C THR A 17 18.50 19.35 -10.63
N ALA A 18 18.97 19.86 -9.50
CA ALA A 18 19.58 19.02 -8.47
C ALA A 18 18.58 18.46 -7.46
N ALA A 19 17.49 19.19 -7.21
CA ALA A 19 16.56 18.74 -6.19
C ALA A 19 15.13 19.17 -6.49
N VAL A 20 14.17 18.31 -6.14
CA VAL A 20 12.77 18.65 -6.27
C VAL A 20 12.01 18.25 -5.02
N GLY A 21 10.94 18.98 -4.72
CA GLY A 21 10.10 18.64 -3.58
C GLY A 21 8.73 19.32 -3.58
N TRP A 22 7.69 18.50 -3.51
CA TRP A 22 6.30 18.97 -3.38
C TRP A 22 5.94 19.25 -1.92
N ASN A 23 5.30 20.39 -1.64
CA ASN A 23 4.74 20.58 -0.30
C ASN A 23 3.27 20.17 -0.24
N VAL A 24 2.68 20.24 0.96
CA VAL A 24 1.31 19.77 1.13
C VAL A 24 0.30 20.70 0.45
N TRP A 25 0.78 21.87 0.02
CA TRP A 25 -0.04 22.81 -0.76
C TRP A 25 0.06 22.54 -2.26
N ASN A 26 0.67 21.42 -2.63
CA ASN A 26 0.80 21.02 -4.03
C ASN A 26 1.61 21.99 -4.89
N GLU A 27 2.60 22.60 -4.27
CA GLU A 27 3.60 23.40 -4.96
C GLU A 27 4.85 22.56 -5.11
N LEU A 28 5.45 22.60 -6.29
CA LEU A 28 6.74 21.97 -6.50
C LEU A 28 7.83 23.02 -6.41
N PHE A 29 8.79 22.81 -5.52
CA PHE A 29 9.95 23.68 -5.45
C PHE A 29 11.13 22.94 -6.09
N THR A 30 11.88 23.60 -6.96
CA THR A 30 13.02 22.97 -7.57
C THR A 30 14.27 23.77 -7.26
N CYS A 31 15.36 23.07 -7.01
CA CYS A 31 16.65 23.70 -6.72
C CYS A 31 17.63 23.38 -7.83
N SER A 32 18.09 24.38 -8.56
CA SER A 32 18.97 24.14 -9.71
C SER A 32 20.41 24.65 -9.53
N ASP A 33 21.27 24.27 -10.47
CA ASP A 33 22.66 24.71 -10.48
C ASP A 33 22.80 26.15 -10.98
N ASP A 34 21.67 26.76 -11.32
CA ASP A 34 21.65 28.18 -11.64
C ASP A 34 21.66 28.99 -10.34
N GLN A 35 21.72 28.27 -9.22
CA GLN A 35 21.70 28.86 -7.88
C GLN A 35 20.38 29.53 -7.57
N THR A 36 19.33 29.12 -8.25
CA THR A 36 18.00 29.66 -8.00
C THR A 36 17.03 28.58 -7.56
N ILE A 37 15.99 29.00 -6.86
CA ILE A 37 14.90 28.10 -6.47
C ILE A 37 13.59 28.59 -7.05
N HIS A 38 12.91 27.71 -7.77
CA HIS A 38 11.71 28.06 -8.49
C HIS A 38 10.49 27.30 -7.96
N LYS A 39 9.33 27.94 -8.03
CA LYS A 39 8.06 27.32 -7.67
C LYS A 39 7.32 26.92 -8.94
N TRP A 40 6.69 25.75 -8.91
CA TRP A 40 5.87 25.23 -9.99
C TRP A 40 4.52 24.79 -9.44
N ASN A 41 3.52 24.74 -10.32
CA ASN A 41 2.18 24.29 -9.92
C ASN A 41 1.87 22.90 -10.47
N MET A 42 0.72 22.35 -10.08
CA MET A 42 0.38 20.98 -10.44
C MET A 42 0.14 20.80 -11.93
N LEU A 43 -0.02 21.91 -12.65
CA LEU A 43 -0.17 21.85 -14.10
C LEU A 43 1.21 21.70 -14.74
N GLY A 44 2.26 21.77 -13.92
CA GLY A 44 3.61 21.63 -14.42
C GLY A 44 4.12 22.92 -15.02
N GLU A 45 3.53 24.03 -14.59
N GLU A 45 3.55 24.04 -14.60
CA GLU A 45 3.92 25.36 -15.05
CA GLU A 45 3.96 25.33 -15.13
C GLU A 45 4.81 26.06 -14.03
C GLU A 45 4.74 26.13 -14.08
N PRO A 46 5.82 26.79 -14.50
CA PRO A 46 6.66 27.63 -13.63
C PRO A 46 5.88 28.85 -13.16
N GLU A 47 5.94 29.15 -11.86
CA GLU A 47 5.17 30.29 -11.33
C GLU A 47 6.05 31.45 -10.85
N GLN A 48 7.02 31.17 -9.99
CA GLN A 48 7.86 32.23 -9.43
C GLN A 48 9.27 31.76 -9.15
N LYS A 49 10.21 32.70 -9.20
CA LYS A 49 11.51 32.50 -8.60
C LYS A 49 11.35 32.79 -7.11
N VAL A 50 11.49 31.77 -6.27
CA VAL A 50 11.26 31.92 -4.84
C VAL A 50 12.45 32.56 -4.13
N SER A 51 13.67 32.18 -4.51
CA SER A 51 14.88 32.70 -3.90
C SER A 51 16.12 32.50 -4.77
N THR A 52 17.16 33.28 -4.48
CA THR A 52 18.46 33.08 -5.10
C THR A 52 19.53 33.07 -4.02
N LEU A 53 20.45 32.11 -4.12
CA LEU A 53 21.46 31.93 -3.08
C LEU A 53 22.85 31.75 -3.65
N ASP A 54 23.85 32.18 -2.91
CA ASP A 54 25.23 31.92 -3.28
C ASP A 54 25.62 30.56 -2.72
N ALA A 55 25.12 29.51 -3.36
CA ALA A 55 25.32 28.15 -2.90
C ALA A 55 24.74 27.19 -3.94
N TYR A 56 25.36 26.03 -4.09
CA TYR A 56 24.82 25.01 -4.99
C TYR A 56 24.09 23.95 -4.17
N PHE A 57 23.08 23.34 -4.80
CA PHE A 57 22.16 22.47 -4.08
C PHE A 57 22.36 21.02 -4.43
N THR A 58 22.06 20.13 -3.50
CA THR A 58 22.23 18.69 -3.72
C THR A 58 20.94 17.94 -3.41
N ASP A 59 20.11 18.49 -2.52
CA ASP A 59 18.93 17.80 -2.03
C ASP A 59 18.03 18.77 -1.26
N MET A 60 16.76 18.42 -1.10
CA MET A 60 15.84 19.25 -0.33
C MET A 60 14.77 18.39 0.31
N HIS A 61 14.15 18.87 1.37
CA HIS A 61 13.05 18.17 2.00
C HIS A 61 12.12 19.12 2.71
N TRP A 62 10.85 19.10 2.32
CA TRP A 62 9.79 19.85 3.00
C TRP A 62 9.52 19.28 4.39
N TYR A 63 9.36 20.17 5.35
CA TYR A 63 8.93 19.79 6.69
C TYR A 63 7.64 18.97 6.58
N PRO A 64 7.61 17.78 7.18
CA PRO A 64 6.49 16.86 6.94
C PRO A 64 5.21 17.25 7.68
N VAL A 65 4.10 17.31 6.95
CA VAL A 65 2.81 17.68 7.52
C VAL A 65 1.78 16.59 7.24
N SER A 66 1.26 15.96 8.30
CA SER A 66 0.32 14.86 8.16
C SER A 66 -0.96 15.29 7.44
N SER A 67 -1.43 16.49 7.77
CA SER A 67 -2.62 17.04 7.14
C SER A 67 -2.53 18.57 7.16
N LYS A 68 -2.88 19.21 6.06
CA LYS A 68 -2.89 20.67 6.01
C LYS A 68 -4.05 21.20 6.84
N LYS A 69 -4.94 20.31 7.26
CA LYS A 69 -6.09 20.68 8.08
C LYS A 69 -5.70 20.76 9.55
N THR A 70 -4.73 19.94 9.95
CA THR A 70 -4.15 20.00 11.28
C THR A 70 -2.73 20.55 11.17
N GLN A 71 -2.61 21.72 10.54
CA GLN A 71 -1.31 22.20 10.06
C GLN A 71 -0.63 23.23 10.96
N ALA A 72 -1.42 24.09 11.59
CA ALA A 72 -0.94 25.30 12.28
C ALA A 72 0.43 25.14 12.96
N GLY A 73 1.31 26.10 12.68
CA GLY A 73 2.65 26.10 13.22
C GLY A 73 3.66 26.65 12.23
N GLY A 74 4.92 26.70 12.61
CA GLY A 74 5.97 27.12 11.71
C GLY A 74 6.46 25.96 10.87
N THR A 75 5.51 25.26 10.24
CA THR A 75 5.81 24.02 9.53
C THR A 75 5.83 24.17 8.01
N ASP A 76 5.75 25.41 7.53
CA ASP A 76 5.80 25.69 6.11
C ASP A 76 7.23 26.04 5.69
N VAL A 77 8.15 25.13 6.01
CA VAL A 77 9.54 25.36 5.68
C VAL A 77 10.10 24.10 5.02
N PHE A 78 11.21 24.27 4.32
CA PHE A 78 11.94 23.14 3.79
C PHE A 78 13.42 23.32 4.07
N ALA A 79 14.17 22.23 4.00
CA ALA A 79 15.59 22.28 4.23
C ALA A 79 16.28 21.92 2.92
N VAL A 80 17.41 22.56 2.66
CA VAL A 80 18.19 22.33 1.44
C VAL A 80 19.65 22.00 1.76
N ALA A 81 20.16 20.93 1.18
CA ALA A 81 21.57 20.57 1.33
C ALA A 81 22.42 21.25 0.27
N CYS A 82 23.55 21.82 0.69
CA CYS A 82 24.43 22.53 -0.24
C CYS A 82 25.80 21.89 -0.41
N THR A 83 26.41 22.15 -1.56
CA THR A 83 27.72 21.61 -1.90
C THR A 83 28.84 22.13 -1.02
N ASP A 84 28.63 23.27 -0.36
CA ASP A 84 29.66 23.82 0.53
C ASP A 84 29.55 23.21 1.93
N GLY A 85 28.67 22.23 2.07
CA GLY A 85 28.47 21.57 3.35
C GLY A 85 27.44 22.21 4.27
N SER A 86 26.87 23.34 3.87
CA SER A 86 25.86 23.96 4.71
C SER A 86 24.48 23.36 4.47
N VAL A 87 23.64 23.45 5.49
CA VAL A 87 22.25 23.04 5.43
C VAL A 87 21.40 24.25 5.78
N LYS A 88 20.46 24.59 4.91
CA LYS A 88 19.70 25.80 5.11
C LYS A 88 18.21 25.51 5.22
N ILE A 89 17.57 26.15 6.19
CA ILE A 89 16.13 26.05 6.36
C ILE A 89 15.50 27.31 5.80
N LEU A 90 14.59 27.12 4.83
CA LEU A 90 13.96 28.25 4.18
C LEU A 90 12.45 28.20 4.35
N SER A 91 11.82 29.37 4.41
CA SER A 91 10.37 29.42 4.45
C SER A 91 9.80 29.17 3.08
N ARG A 92 8.52 28.85 3.05
CA ARG A 92 7.78 28.76 1.81
C ARG A 92 7.96 29.99 0.91
N THR A 93 8.22 31.16 1.52
CA THR A 93 8.42 32.36 0.72
C THR A 93 9.89 32.56 0.34
N GLY A 94 10.76 31.73 0.88
CA GLY A 94 12.17 31.77 0.54
C GLY A 94 13.06 32.47 1.54
N ARG A 95 12.50 32.88 2.67
CA ARG A 95 13.26 33.54 3.73
C ARG A 95 14.18 32.53 4.42
N VAL A 96 15.46 32.85 4.53
CA VAL A 96 16.36 31.92 5.22
C VAL A 96 16.14 31.99 6.72
N GLU A 97 15.62 30.90 7.29
CA GLU A 97 15.41 30.84 8.73
C GLU A 97 16.71 30.57 9.49
N LYS A 98 17.57 29.72 8.91
CA LYS A 98 18.70 29.17 9.62
C LYS A 98 19.69 28.56 8.65
N SER A 99 20.96 28.90 8.77
CA SER A 99 21.96 28.18 8.01
C SER A 99 22.92 27.46 8.94
N ILE A 100 23.14 26.18 8.64
CA ILE A 100 23.95 25.29 9.47
C ILE A 100 25.19 24.79 8.72
N GLU A 101 26.35 24.90 9.36
CA GLU A 101 27.57 24.32 8.81
C GLU A 101 27.60 22.86 9.22
N GLY A 102 27.02 22.01 8.37
CA GLY A 102 26.77 20.63 8.75
C GLY A 102 27.89 19.65 8.43
N HIS A 103 28.53 19.84 7.30
CA HIS A 103 29.51 18.87 6.86
C HIS A 103 30.78 19.49 6.30
N LYS A 104 31.83 18.69 6.28
CA LYS A 104 33.07 19.02 5.59
C LYS A 104 32.96 18.52 4.17
N GLY A 105 32.95 19.43 3.22
CA GLY A 105 32.63 19.07 1.86
C GLY A 105 31.12 19.04 1.73
N ALA A 106 30.62 18.58 0.58
CA ALA A 106 29.20 18.66 0.28
C ALA A 106 28.31 17.88 1.25
N CYS A 107 27.20 18.47 1.65
CA CYS A 107 26.09 17.73 2.23
C CYS A 107 25.27 17.23 1.05
N ILE A 108 24.97 15.93 1.01
CA ILE A 108 24.42 15.35 -0.20
C ILE A 108 23.05 14.72 -0.03
N SER A 109 22.56 14.64 1.21
CA SER A 109 21.23 14.10 1.48
C SER A 109 20.72 14.63 2.82
N LEU A 110 19.42 14.92 2.90
CA LEU A 110 18.84 15.22 4.21
C LEU A 110 17.35 14.97 4.24
N ARG A 111 16.85 14.67 5.44
CA ARG A 111 15.44 14.37 5.65
C ARG A 111 15.01 14.83 7.04
N TRP A 112 13.90 15.57 7.12
CA TRP A 112 13.23 15.80 8.40
C TRP A 112 12.73 14.49 8.96
N SER A 113 12.77 14.32 10.29
CA SER A 113 12.04 13.22 10.91
C SER A 113 10.55 13.44 10.67
N TYR A 114 9.78 12.37 10.68
CA TYR A 114 8.36 12.46 10.42
C TYR A 114 7.65 13.33 11.46
N ASP A 115 8.11 13.29 12.71
CA ASP A 115 7.50 14.10 13.77
C ASP A 115 8.03 15.53 13.79
N GLY A 116 8.93 15.83 12.88
CA GLY A 116 9.45 17.19 12.74
C GLY A 116 10.39 17.66 13.83
N THR A 117 10.75 16.79 14.77
CA THR A 117 11.60 17.20 15.89
C THR A 117 13.09 17.22 15.55
N ALA A 118 13.46 16.57 14.46
CA ALA A 118 14.87 16.49 14.09
C ALA A 118 15.07 16.63 12.59
N LEU A 119 16.29 16.99 12.21
CA LEU A 119 16.70 16.99 10.81
C LEU A 119 17.97 16.12 10.66
N ALA A 120 17.92 15.15 9.76
CA ALA A 120 19.08 14.29 9.51
C ALA A 120 19.78 14.74 8.25
N THR A 121 21.10 14.80 8.30
CA THR A 121 21.90 15.15 7.13
C THR A 121 23.03 14.15 6.91
N ALA A 122 23.46 14.02 5.66
CA ALA A 122 24.56 13.11 5.34
C ALA A 122 25.52 13.79 4.39
N GLY A 123 26.81 13.53 4.59
CA GLY A 123 27.82 14.17 3.79
C GLY A 123 28.54 13.23 2.85
N GLU A 124 29.15 13.78 1.83
CA GLU A 124 30.10 13.03 1.05
C GLU A 124 31.22 12.55 1.96
N ASP A 125 31.44 13.24 3.08
CA ASP A 125 32.46 12.83 4.05
C ASP A 125 32.08 11.55 4.80
N GLY A 126 30.88 11.05 4.52
CA GLY A 126 30.40 9.80 5.10
C GLY A 126 29.74 9.93 6.45
N SER A 127 29.62 11.16 6.96
CA SER A 127 28.96 11.34 8.25
C SER A 127 27.45 11.43 8.10
N VAL A 128 26.74 10.89 9.09
CA VAL A 128 25.31 11.10 9.20
C VAL A 128 25.08 11.84 10.51
N LYS A 129 24.45 13.01 10.42
CA LYS A 129 24.31 13.85 11.61
C LYS A 129 22.85 14.16 11.90
N ILE A 130 22.52 14.30 13.18
CA ILE A 130 21.14 14.56 13.57
C ILE A 130 21.06 15.93 14.25
N TRP A 131 20.24 16.83 13.70
CA TRP A 131 20.11 18.18 14.23
C TRP A 131 18.73 18.47 14.79
N SER A 132 18.72 19.35 15.80
CA SER A 132 17.49 20.02 16.24
C SER A 132 17.14 21.10 15.22
N ARG A 133 15.88 21.52 15.19
CA ARG A 133 15.52 22.60 14.29
C ARG A 133 16.28 23.89 14.60
N ASN A 134 16.70 24.07 15.85
CA ASN A 134 17.49 25.23 16.22
C ASN A 134 18.92 25.18 15.67
N GLY A 135 19.20 24.14 14.88
CA GLY A 135 20.50 23.99 14.25
C GLY A 135 21.58 23.46 15.17
N MET A 136 21.17 22.99 16.36
CA MET A 136 22.12 22.41 17.30
C MET A 136 22.42 20.98 16.90
N LEU A 137 23.67 20.57 17.02
CA LEU A 137 24.02 19.18 16.72
C LEU A 137 23.49 18.28 17.83
N ARG A 138 22.55 17.41 17.48
CA ARG A 138 21.92 16.52 18.44
C ARG A 138 22.78 15.27 18.64
N SER A 139 23.33 14.75 17.55
CA SER A 139 24.31 13.67 17.61
C SER A 139 24.89 13.37 16.24
N THR A 140 26.04 12.70 16.23
CA THR A 140 26.55 12.09 15.00
C THR A 140 26.16 10.62 14.99
N LEU A 141 25.20 10.27 14.15
CA LEU A 141 24.64 8.92 14.12
C LEU A 141 25.61 7.89 13.57
N ALA A 142 26.37 8.28 12.54
CA ALA A 142 27.22 7.32 11.85
C ALA A 142 28.37 8.02 11.15
N GLN A 143 29.45 7.28 10.93
CA GLN A 143 30.59 7.74 10.15
C GLN A 143 31.02 6.60 9.22
N ALA A 144 30.51 6.60 8.00
CA ALA A 144 30.75 5.52 7.04
C ALA A 144 32.04 5.70 6.26
N ASP A 145 32.48 4.68 5.55
CA ASP A 145 33.75 4.79 4.83
C ASP A 145 33.56 5.31 3.41
N SER A 146 32.30 5.58 3.06
CA SER A 146 31.95 6.08 1.72
C SER A 146 30.86 7.14 1.82
N PRO A 147 30.71 7.95 0.76
CA PRO A 147 29.68 8.98 0.73
C PRO A 147 28.31 8.41 1.00
N VAL A 148 27.53 9.06 1.86
CA VAL A 148 26.21 8.55 2.17
C VAL A 148 25.20 9.26 1.27
N TYR A 149 24.91 8.64 0.13
CA TYR A 149 24.16 9.29 -0.93
C TYR A 149 22.71 9.51 -0.58
N SER A 150 22.19 8.73 0.36
CA SER A 150 20.76 8.74 0.60
C SER A 150 20.43 8.30 2.03
N ILE A 151 19.57 9.06 2.69
CA ILE A 151 19.10 8.69 4.03
C ILE A 151 17.59 8.86 4.11
N VAL A 152 16.94 8.02 4.91
N VAL A 152 16.96 8.06 4.97
CA VAL A 152 15.51 8.15 5.20
CA VAL A 152 15.51 8.09 5.17
C VAL A 152 15.21 7.69 6.62
C VAL A 152 15.14 7.59 6.57
N TRP A 153 14.15 8.23 7.19
CA TRP A 153 13.73 7.86 8.55
C TRP A 153 12.78 6.68 8.60
N ALA A 154 12.85 5.90 9.68
CA ALA A 154 11.73 5.07 10.09
C ALA A 154 10.63 6.04 10.60
N TYR A 155 9.38 5.60 10.61
CA TYR A 155 8.30 6.53 10.92
C TYR A 155 8.31 6.96 12.38
N ASP A 156 8.73 6.05 13.26
N ASP A 156 8.75 6.05 13.26
CA ASP A 156 8.78 6.39 14.68
CA ASP A 156 8.82 6.35 14.67
C ASP A 156 10.03 7.19 15.03
C ASP A 156 9.98 7.28 15.00
N CYS A 157 10.83 7.52 14.00
CA CYS A 157 11.94 8.47 14.16
C CYS A 157 12.97 8.02 15.18
N ASP A 158 13.06 6.71 15.40
CA ASP A 158 14.06 6.16 16.30
C ASP A 158 15.09 5.35 15.50
N GLN A 159 14.81 5.21 14.21
CA GLN A 159 15.71 4.52 13.30
C GLN A 159 15.90 5.30 12.03
N LEU A 160 17.09 5.19 11.46
CA LEU A 160 17.40 5.81 10.19
C LEU A 160 17.98 4.76 9.23
N CYS A 161 17.53 4.79 7.99
CA CYS A 161 18.09 3.95 6.94
C CYS A 161 19.00 4.80 6.05
N TYR A 162 20.22 4.32 5.79
CA TYR A 162 21.12 5.05 4.89
C TYR A 162 21.94 4.06 4.06
N CYS A 163 22.53 4.56 2.98
CA CYS A 163 23.42 3.72 2.20
C CYS A 163 24.85 4.21 2.24
N THR A 164 25.77 3.26 2.11
CA THR A 164 27.17 3.55 1.99
C THR A 164 27.79 2.42 1.21
N GLY A 165 28.61 2.77 0.21
CA GLY A 165 29.14 1.77 -0.69
C GLY A 165 27.98 0.94 -1.24
N SER A 166 28.15 -0.38 -1.22
CA SER A 166 27.16 -1.31 -1.76
C SER A 166 26.06 -1.64 -0.76
N ASN A 167 26.17 -1.04 0.43
CA ASN A 167 25.39 -1.47 1.58
C ASN A 167 24.22 -0.58 1.93
N VAL A 168 23.20 -1.21 2.51
N VAL A 168 23.21 -1.18 2.56
CA VAL A 168 22.11 -0.49 3.17
CA VAL A 168 22.13 -0.41 3.16
C VAL A 168 22.30 -0.72 4.65
C VAL A 168 22.06 -0.73 4.64
N VAL A 169 22.15 0.33 5.45
CA VAL A 169 22.29 0.22 6.89
C VAL A 169 21.05 0.76 7.57
N ILE A 170 20.56 0.04 8.57
CA ILE A 170 19.52 0.56 9.44
C ILE A 170 20.08 0.70 10.85
N LYS A 171 20.02 1.91 11.40
N LYS A 171 19.99 1.90 11.40
CA LYS A 171 20.53 2.15 12.74
CA LYS A 171 20.62 2.18 12.69
C LYS A 171 19.50 2.82 13.65
C LYS A 171 19.71 2.98 13.62
N SER A 172 19.56 2.49 14.93
N SER A 172 19.53 2.49 14.85
CA SER A 172 18.72 3.12 15.95
CA SER A 172 18.72 3.17 15.86
C SER A 172 19.40 4.38 16.49
C SER A 172 19.41 4.42 16.37
N LEU A 173 18.63 5.43 16.74
CA LEU A 173 19.18 6.65 17.32
C LEU A 173 19.40 6.47 18.81
N SER A 174 18.41 5.87 19.46
CA SER A 174 18.44 5.66 20.90
C SER A 174 19.31 4.47 21.26
N SER A 175 18.86 3.29 20.89
CA SER A 175 19.55 2.05 21.21
C SER A 175 20.91 1.96 20.54
N ASN A 176 21.57 0.81 20.73
CA ASN A 176 22.79 0.48 20.04
C ASN A 176 22.62 -0.87 19.38
N ALA A 177 22.43 -1.89 20.21
CA ALA A 177 22.14 -3.24 19.78
C ALA A 177 23.03 -3.67 18.63
N LYS A 178 22.42 -3.82 17.46
CA LYS A 178 23.14 -4.05 16.22
C LYS A 178 22.48 -3.28 15.10
N GLN A 179 23.21 -2.34 14.51
CA GLN A 179 22.78 -1.77 13.25
C GLN A 179 22.57 -2.92 12.28
N ASN A 180 21.38 -3.04 11.71
CA ASN A 180 21.21 -4.04 10.67
C ASN A 180 21.80 -3.50 9.38
N ALA A 181 22.56 -4.33 8.68
CA ALA A 181 23.20 -3.92 7.44
C ALA A 181 23.28 -5.08 6.47
N TRP A 182 23.15 -4.79 5.19
CA TRP A 182 23.39 -5.82 4.20
C TRP A 182 23.91 -5.21 2.91
N LYS A 183 24.57 -6.04 2.12
CA LYS A 183 24.96 -5.65 0.78
C LYS A 183 23.75 -5.72 -0.15
N ALA A 184 23.35 -4.56 -0.67
CA ALA A 184 22.10 -4.43 -1.42
C ALA A 184 22.33 -4.54 -2.92
N HIS A 185 23.44 -3.99 -3.40
CA HIS A 185 23.71 -3.94 -4.82
C HIS A 185 25.14 -4.36 -5.09
N ASP A 186 25.39 -4.90 -6.27
CA ASP A 186 26.75 -5.24 -6.68
C ASP A 186 27.41 -4.01 -7.29
N GLY A 187 27.52 -2.97 -6.47
CA GLY A 187 28.02 -1.69 -6.91
C GLY A 187 27.49 -0.64 -5.94
N VAL A 188 27.84 0.61 -6.19
CA VAL A 188 27.42 1.70 -5.31
C VAL A 188 25.91 1.89 -5.31
N VAL A 189 25.32 1.95 -4.11
CA VAL A 189 23.90 2.28 -3.95
C VAL A 189 23.73 3.79 -4.09
N LEU A 190 22.81 4.22 -4.95
CA LEU A 190 22.67 5.65 -5.22
C LEU A 190 21.47 6.29 -4.54
N LYS A 191 20.45 5.49 -4.25
CA LYS A 191 19.28 6.02 -3.56
C LYS A 191 18.54 4.91 -2.82
N VAL A 192 17.88 5.30 -1.72
N VAL A 192 17.93 5.29 -1.69
CA VAL A 192 17.08 4.37 -0.92
CA VAL A 192 17.05 4.37 -0.96
C VAL A 192 15.83 5.07 -0.39
C VAL A 192 15.78 5.11 -0.56
N ASP A 193 14.72 4.36 -0.30
CA ASP A 193 13.52 4.93 0.28
C ASP A 193 12.88 3.86 1.14
N TRP A 194 12.13 4.29 2.14
CA TRP A 194 11.58 3.39 3.14
C TRP A 194 10.16 3.85 3.40
N SER A 195 9.17 3.05 2.98
N SER A 195 9.16 3.10 2.94
CA SER A 195 7.78 3.46 3.14
CA SER A 195 7.78 3.59 3.08
C SER A 195 7.34 3.37 4.60
C SER A 195 7.27 3.39 4.50
N PRO A 196 6.85 4.49 5.16
CA PRO A 196 6.35 4.39 6.53
C PRO A 196 5.06 3.57 6.65
N ILE A 197 4.34 3.45 5.54
N ILE A 197 4.29 3.46 5.58
CA ILE A 197 3.01 2.79 5.58
CA ILE A 197 3.05 2.71 5.70
C ILE A 197 3.07 1.28 5.32
C ILE A 197 3.31 1.20 5.54
N ASN A 198 3.99 0.83 4.46
CA ASN A 198 4.10 -0.62 4.18
C ASN A 198 5.45 -1.21 4.66
N HIS A 199 6.33 -0.35 5.18
CA HIS A 199 7.60 -0.77 5.81
C HIS A 199 8.62 -1.36 4.83
N LEU A 200 8.32 -1.27 3.54
CA LEU A 200 9.25 -1.80 2.54
C LEU A 200 10.34 -0.79 2.16
N ILE A 201 11.51 -1.32 1.83
CA ILE A 201 12.64 -0.52 1.42
C ILE A 201 12.93 -0.74 -0.06
N ILE A 202 13.14 0.34 -0.80
CA ILE A 202 13.53 0.20 -2.19
C ILE A 202 14.89 0.84 -2.38
N THR A 203 15.67 0.27 -3.29
CA THR A 203 17.03 0.74 -3.55
C THR A 203 17.34 0.75 -5.04
N GLY A 204 18.27 1.61 -5.45
CA GLY A 204 18.75 1.60 -6.82
C GLY A 204 20.24 1.95 -6.84
N GLY A 205 20.99 1.39 -7.78
CA GLY A 205 22.40 1.72 -7.84
C GLY A 205 23.13 1.42 -9.13
N GLU A 206 24.45 1.37 -9.01
CA GLU A 206 25.34 1.32 -10.18
C GLU A 206 25.44 -0.06 -10.79
N ASP A 207 24.81 -1.05 -10.19
CA ASP A 207 24.73 -2.35 -10.86
C ASP A 207 23.55 -2.34 -11.84
N CYS A 208 22.93 -1.16 -12.00
CA CYS A 208 21.90 -0.93 -13.01
C CYS A 208 20.63 -1.72 -12.71
N LYS A 209 20.31 -1.83 -11.42
CA LYS A 209 19.06 -2.44 -10.96
C LYS A 209 18.39 -1.63 -9.87
N TYR A 210 17.08 -1.81 -9.72
CA TYR A 210 16.42 -1.42 -8.48
C TYR A 210 15.93 -2.67 -7.78
N LYS A 211 15.73 -2.59 -6.47
CA LYS A 211 15.35 -3.76 -5.70
C LYS A 211 14.36 -3.36 -4.62
N VAL A 212 13.56 -4.33 -4.19
CA VAL A 212 12.62 -4.15 -3.10
C VAL A 212 12.95 -5.12 -1.98
N TRP A 213 12.97 -4.60 -0.75
CA TRP A 213 13.36 -5.34 0.45
C TRP A 213 12.34 -5.14 1.56
N ASP A 214 12.26 -6.09 2.51
CA ASP A 214 11.54 -5.76 3.73
C ASP A 214 12.53 -5.13 4.71
N SER A 215 12.05 -4.74 5.88
CA SER A 215 12.83 -3.99 6.86
C SER A 215 13.98 -4.81 7.45
N PHE A 216 14.04 -6.09 7.11
CA PHE A 216 15.02 -6.98 7.72
C PHE A 216 16.05 -7.44 6.69
N GLY A 217 15.98 -6.87 5.49
CA GLY A 217 16.97 -7.14 4.47
C GLY A 217 16.63 -8.33 3.59
N ARG A 218 15.41 -8.83 3.70
CA ARG A 218 14.98 -9.90 2.83
C ARG A 218 14.60 -9.32 1.47
N LEU A 219 15.19 -9.87 0.41
CA LEU A 219 14.91 -9.42 -0.95
C LEU A 219 13.52 -9.85 -1.40
N LEU A 220 12.71 -8.89 -1.86
CA LEU A 220 11.38 -9.21 -2.35
C LEU A 220 11.28 -9.12 -3.88
N PHE A 221 12.15 -8.32 -4.48
CA PHE A 221 12.12 -8.13 -5.95
C PHE A 221 13.44 -7.54 -6.40
N GLN A 222 13.96 -8.04 -7.51
CA GLN A 222 15.07 -7.37 -8.17
C GLN A 222 14.77 -7.23 -9.65
N SER A 223 15.00 -6.03 -10.17
CA SER A 223 14.72 -5.76 -11.58
C SER A 223 15.74 -6.43 -12.49
N GLY A 224 15.39 -6.53 -13.76
CA GLY A 224 16.37 -6.82 -14.81
C GLY A 224 17.35 -5.66 -14.93
N LEU A 225 18.32 -5.82 -15.83
CA LEU A 225 19.36 -4.79 -16.01
C LEU A 225 18.88 -3.59 -16.81
N PHE A 226 19.09 -2.40 -16.26
CA PHE A 226 18.94 -1.16 -17.01
C PHE A 226 20.20 -0.98 -17.85
N ASP A 227 20.16 -0.13 -18.88
CA ASP A 227 21.35 0.19 -19.66
C ASP A 227 22.36 0.98 -18.84
N TYR A 228 21.87 1.72 -17.84
CA TYR A 228 22.72 2.57 -17.01
C TYR A 228 22.26 2.50 -15.56
N PRO A 229 23.08 3.03 -14.63
CA PRO A 229 22.69 3.02 -13.21
C PRO A 229 21.29 3.56 -12.93
N VAL A 230 20.61 2.93 -11.98
CA VAL A 230 19.37 3.50 -11.44
C VAL A 230 19.77 4.56 -10.45
N THR A 231 19.32 5.80 -10.67
CA THR A 231 19.84 6.92 -9.93
C THR A 231 18.86 7.50 -8.90
N SER A 232 17.62 7.04 -8.92
N SER A 232 17.60 7.07 -8.94
CA SER A 232 16.63 7.51 -7.95
CA SER A 232 16.66 7.51 -7.91
C SER A 232 15.46 6.53 -7.79
C SER A 232 15.49 6.54 -7.79
N VAL A 233 14.96 6.44 -6.56
CA VAL A 233 13.75 5.66 -6.26
C VAL A 233 12.94 6.47 -5.24
N ALA A 234 11.62 6.38 -5.29
CA ALA A 234 10.77 7.08 -4.33
C ALA A 234 9.41 6.41 -4.21
N TRP A 235 9.03 6.13 -2.97
CA TRP A 235 7.68 5.63 -2.66
C TRP A 235 6.61 6.69 -2.80
N ALA A 236 5.48 6.34 -3.42
CA ALA A 236 4.27 7.18 -3.25
C ALA A 236 3.83 7.12 -1.79
N PRO A 237 3.32 8.24 -1.26
CA PRO A 237 2.79 8.24 0.11
C PRO A 237 1.77 7.14 0.36
N SER A 238 1.01 6.74 -0.65
CA SER A 238 0.04 5.66 -0.48
C SER A 238 0.70 4.31 -0.17
N GLY A 239 1.97 4.18 -0.55
CA GLY A 239 2.69 2.92 -0.42
C GLY A 239 2.30 1.88 -1.45
N GLU A 240 1.43 2.22 -2.39
CA GLU A 240 0.95 1.20 -3.34
C GLU A 240 1.75 1.18 -4.64
N LEU A 241 2.54 2.23 -4.84
CA LEU A 241 3.32 2.45 -6.05
C LEU A 241 4.67 3.05 -5.67
N PHE A 242 5.70 2.83 -6.47
CA PHE A 242 6.88 3.68 -6.34
C PHE A 242 7.39 4.04 -7.74
N ALA A 243 8.29 5.01 -7.78
CA ALA A 243 8.86 5.48 -9.03
C ALA A 243 10.35 5.21 -9.06
N VAL A 244 10.88 5.00 -10.27
CA VAL A 244 12.30 4.72 -10.49
C VAL A 244 12.80 5.64 -11.58
N GLY A 245 13.90 6.32 -11.30
CA GLY A 245 14.51 7.21 -12.26
C GLY A 245 15.88 6.74 -12.70
N GLY A 246 16.21 6.97 -13.96
CA GLY A 246 17.47 6.52 -14.51
C GLY A 246 17.87 7.42 -15.66
N PHE A 247 18.76 6.93 -16.52
CA PHE A 247 19.25 7.75 -17.62
C PHE A 247 18.16 7.90 -18.67
N ASN A 248 17.57 9.09 -18.75
CA ASN A 248 16.50 9.34 -19.70
C ASN A 248 15.35 8.35 -19.55
N THR A 249 15.12 7.89 -18.33
CA THR A 249 14.00 6.99 -18.11
C THR A 249 13.33 7.19 -16.76
N LEU A 250 12.02 6.97 -16.77
CA LEU A 250 11.20 7.06 -15.58
C LEU A 250 10.25 5.88 -15.61
N GLN A 251 10.20 5.13 -14.52
CA GLN A 251 9.37 3.92 -14.47
C GLN A 251 8.42 3.99 -13.28
N LEU A 252 7.19 3.56 -13.51
CA LEU A 252 6.18 3.45 -12.47
C LEU A 252 6.01 1.98 -12.06
N CYS A 253 6.18 1.68 -10.78
CA CYS A 253 6.17 0.30 -10.30
C CYS A 253 5.13 0.04 -9.24
N ASP A 254 4.57 -1.16 -9.28
CA ASP A 254 3.74 -1.68 -8.20
C ASP A 254 4.59 -1.87 -6.95
N ARG A 255 3.97 -1.80 -5.78
CA ARG A 255 4.71 -2.09 -4.55
C ARG A 255 5.35 -3.48 -4.55
N MET A 256 4.80 -4.41 -5.33
CA MET A 256 5.41 -5.73 -5.43
C MET A 256 6.74 -5.66 -6.15
N GLY A 257 6.94 -4.60 -6.95
CA GLY A 257 8.21 -4.41 -7.63
C GLY A 257 8.10 -4.30 -9.13
N TRP A 258 7.15 -5.01 -9.74
CA TRP A 258 7.07 -5.05 -11.19
C TRP A 258 6.53 -3.73 -11.72
N ALA A 259 6.81 -3.44 -12.99
CA ALA A 259 6.54 -2.14 -13.61
C ALA A 259 5.19 -2.07 -14.33
N TYR A 260 4.44 -1.00 -14.08
CA TYR A 260 3.28 -0.63 -14.90
C TYR A 260 3.72 0.04 -16.19
N SER A 261 4.75 0.87 -16.11
N SER A 261 4.75 0.87 -16.08
CA SER A 261 5.17 1.60 -17.30
CA SER A 261 5.22 1.68 -17.20
C SER A 261 6.61 2.11 -17.20
C SER A 261 6.70 1.91 -17.17
N LYS A 262 7.28 2.13 -18.35
CA LYS A 262 8.65 2.58 -18.48
C LYS A 262 8.64 3.63 -19.57
N ILE A 263 8.96 4.87 -19.23
N ILE A 263 8.99 4.86 -19.23
CA ILE A 263 8.90 5.95 -20.21
CA ILE A 263 8.93 5.93 -20.19
C ILE A 263 10.29 6.47 -20.55
C ILE A 263 10.31 6.44 -20.55
N HIS A 264 10.57 6.58 -21.84
CA HIS A 264 11.83 7.16 -22.28
C HIS A 264 11.68 8.67 -22.30
N LEU A 265 12.62 9.38 -21.69
CA LEU A 265 12.53 10.83 -21.57
C LEU A 265 13.39 11.52 -22.64
N ASN A 266 13.09 12.79 -22.90
CA ASN A 266 13.80 13.55 -23.92
C ASN A 266 15.00 14.29 -23.35
N ASP A 267 16.18 13.72 -23.52
CA ASP A 267 17.44 14.36 -23.16
C ASP A 267 17.44 15.01 -21.77
N THR A 268 17.09 14.23 -20.76
N THR A 268 17.08 14.23 -20.76
CA THR A 268 17.05 14.74 -19.40
CA THR A 268 17.05 14.71 -19.38
C THR A 268 18.28 14.28 -18.60
C THR A 268 18.32 14.33 -18.63
N GLY A 269 19.09 13.42 -19.21
CA GLY A 269 20.19 12.81 -18.50
C GLY A 269 19.54 11.94 -17.44
N SER A 270 20.29 11.62 -16.39
N SER A 270 20.28 11.63 -16.38
CA SER A 270 19.74 10.78 -15.32
CA SER A 270 19.74 10.77 -15.34
C SER A 270 18.79 11.56 -14.44
C SER A 270 18.83 11.52 -14.38
N ILE A 271 17.68 10.93 -14.08
CA ILE A 271 16.75 11.50 -13.10
C ILE A 271 17.32 11.22 -11.72
N MET A 272 17.84 12.28 -11.09
N MET A 272 17.85 12.27 -11.08
CA MET A 272 18.60 12.16 -9.86
CA MET A 272 18.59 12.09 -9.83
C MET A 272 17.71 12.30 -8.63
C MET A 272 17.77 12.41 -8.60
N THR A 273 16.57 12.96 -8.82
CA THR A 273 15.71 13.31 -7.70
CA THR A 273 15.73 13.38 -7.71
C THR A 273 14.25 13.13 -8.06
N LEU A 274 13.50 12.60 -7.11
CA LEU A 274 12.06 12.32 -7.26
C LEU A 274 11.28 12.84 -6.06
N SER A 275 10.08 13.35 -6.32
CA SER A 275 9.18 13.74 -5.24
C SER A 275 7.75 13.51 -5.68
N TRP A 276 6.94 12.93 -4.80
CA TRP A 276 5.52 12.71 -5.07
C TRP A 276 4.63 13.77 -4.42
N THR A 277 3.46 14.03 -5.00
CA THR A 277 2.49 14.86 -4.28
C THR A 277 1.90 14.05 -3.11
N ALA A 278 1.36 14.76 -2.11
CA ALA A 278 0.85 14.11 -0.91
C ALA A 278 -0.26 13.13 -1.23
N ASP A 279 -0.99 13.39 -2.31
CA ASP A 279 -2.14 12.56 -2.66
C ASP A 279 -1.77 11.41 -3.61
N SER A 280 -0.48 11.26 -3.88
CA SER A 280 0.06 10.13 -4.68
C SER A 280 -0.37 10.10 -6.13
N THR A 281 -0.95 11.20 -6.63
CA THR A 281 -1.44 11.21 -8.02
C THR A 281 -0.41 11.74 -9.01
N GLN A 282 0.58 12.48 -8.52
CA GLN A 282 1.58 13.06 -9.40
C GLN A 282 2.96 12.98 -8.78
N LEU A 283 3.97 13.09 -9.64
CA LEU A 283 5.33 13.19 -9.16
C LEU A 283 6.13 14.15 -10.04
N ALA A 284 7.31 14.50 -9.58
CA ALA A 284 8.25 15.28 -10.37
C ALA A 284 9.64 14.67 -10.24
N GLY A 285 10.45 14.88 -11.28
CA GLY A 285 11.81 14.39 -11.30
C GLY A 285 12.75 15.48 -11.77
N GLY A 286 13.94 15.52 -11.19
CA GLY A 286 14.97 16.46 -11.61
C GLY A 286 16.09 15.69 -12.27
N GLY A 287 16.51 16.17 -13.44
CA GLY A 287 17.52 15.46 -14.20
C GLY A 287 18.82 16.23 -14.33
N GLY A 288 19.88 15.53 -14.74
CA GLY A 288 21.17 16.14 -14.95
C GLY A 288 21.16 17.24 -16.01
N SER A 289 20.24 17.12 -16.97
CA SER A 289 20.09 18.15 -17.99
C SER A 289 19.67 19.46 -17.33
N GLY A 290 18.80 19.33 -16.33
CA GLY A 290 18.27 20.50 -15.63
C GLY A 290 16.79 20.67 -15.90
N GLY A 291 16.26 19.93 -16.87
CA GLY A 291 14.84 19.92 -17.13
C GLY A 291 14.11 19.31 -15.94
N VAL A 292 12.86 19.72 -15.75
CA VAL A 292 12.04 19.16 -14.70
C VAL A 292 10.95 18.32 -15.35
N VAL A 293 10.80 17.08 -14.89
CA VAL A 293 9.81 16.19 -15.46
C VAL A 293 8.61 16.08 -14.52
N PHE A 294 7.41 16.16 -15.09
CA PHE A 294 6.19 15.94 -14.33
C PHE A 294 5.52 14.67 -14.80
N GLY A 295 5.10 13.84 -13.85
CA GLY A 295 4.41 12.61 -14.18
C GLY A 295 3.09 12.56 -13.45
N GLN A 296 2.06 12.07 -14.14
CA GLN A 296 0.76 11.90 -13.52
C GLN A 296 0.36 10.45 -13.68
N VAL A 297 -0.15 9.85 -12.62
CA VAL A 297 -0.62 8.47 -12.69
C VAL A 297 -2.00 8.48 -13.32
N VAL A 298 -2.15 7.79 -14.45
CA VAL A 298 -3.42 7.79 -15.19
C VAL A 298 -3.79 6.39 -15.65
N ASP A 299 -4.95 6.29 -16.28
CA ASP A 299 -5.46 5.03 -16.84
C ASP A 299 -5.67 3.93 -15.81
N LEU A 300 -6.09 4.31 -14.60
CA LEU A 300 -6.42 3.34 -13.59
C LEU A 300 -7.62 2.52 -14.06
N ALA A 301 -7.52 1.19 -13.98
CA ALA A 301 -8.61 0.34 -14.44
C ALA A 301 -9.23 -0.37 -13.25
N LEU A 302 -10.55 -0.32 -13.16
CA LEU A 302 -11.26 -1.07 -12.14
C LEU A 302 -12.32 -1.90 -12.83
N GLU A 303 -12.53 -3.11 -12.35
CA GLU A 303 -13.69 -3.83 -12.84
C GLU A 303 -14.34 -4.65 -11.75
N ASP A 304 -15.62 -4.85 -11.94
CA ASP A 304 -16.41 -5.65 -11.02
C ASP A 304 -17.52 -6.29 -11.81
N GLY A 305 -17.43 -7.61 -11.96
CA GLY A 305 -18.36 -8.32 -12.81
C GLY A 305 -18.20 -7.82 -14.23
N LYS A 306 -19.31 -7.36 -14.81
CA LYS A 306 -19.31 -6.89 -16.19
C LYS A 306 -18.84 -5.44 -16.34
N MET A 307 -18.74 -4.72 -15.23
CA MET A 307 -18.43 -3.29 -15.25
C MET A 307 -16.95 -3.00 -15.25
N GLN A 308 -16.52 -2.13 -16.15
CA GLN A 308 -15.12 -1.72 -16.20
C GLN A 308 -15.06 -0.20 -16.12
N VAL A 309 -14.26 0.31 -15.19
CA VAL A 309 -14.14 1.75 -15.05
C VAL A 309 -12.72 2.14 -15.33
N THR A 310 -12.53 3.10 -16.21
CA THR A 310 -11.22 3.65 -16.47
C THR A 310 -11.15 5.10 -16.05
N VAL A 311 -10.21 5.39 -15.16
CA VAL A 311 -9.89 6.77 -14.81
C VAL A 311 -8.86 7.26 -15.81
N VAL A 312 -9.34 8.00 -16.80
CA VAL A 312 -8.52 8.49 -17.89
C VAL A 312 -7.47 9.49 -17.41
N ASP A 313 -7.89 10.44 -16.58
CA ASP A 313 -6.97 11.39 -15.98
C ASP A 313 -7.67 11.98 -14.74
N ASP A 314 -7.11 13.01 -14.13
CA ASP A 314 -7.73 13.47 -12.88
C ASP A 314 -8.98 14.32 -13.10
N MET A 315 -9.50 14.30 -14.32
N MET A 315 -9.50 14.37 -14.32
CA MET A 315 -10.67 15.10 -14.69
CA MET A 315 -10.76 15.07 -14.59
C MET A 315 -11.74 14.24 -15.37
C MET A 315 -11.82 14.13 -15.19
N ARG A 316 -11.35 13.03 -15.78
CA ARG A 316 -12.19 12.24 -16.68
C ARG A 316 -12.27 10.76 -16.33
N ILE A 317 -13.50 10.27 -16.24
CA ILE A 317 -13.73 8.84 -15.97
C ILE A 317 -14.75 8.26 -16.94
N VAL A 318 -14.46 7.08 -17.47
N VAL A 318 -14.43 7.08 -17.46
CA VAL A 318 -15.42 6.41 -18.34
CA VAL A 318 -15.34 6.33 -18.33
C VAL A 318 -15.85 5.09 -17.72
C VAL A 318 -15.86 5.11 -17.58
N VAL A 319 -17.15 4.85 -17.74
CA VAL A 319 -17.75 3.68 -17.12
C VAL A 319 -18.20 2.77 -18.27
N ASN A 320 -17.55 1.62 -18.39
CA ASN A 320 -17.84 0.67 -19.46
C ASN A 320 -18.81 -0.42 -18.94
N ASP A 321 -20.06 -0.38 -19.41
CA ASP A 321 -21.11 -1.33 -18.96
C ASP A 321 -21.36 -2.40 -20.02
N ILE A 322 -20.59 -3.47 -19.97
CA ILE A 322 -20.56 -4.43 -21.07
C ILE A 322 -21.85 -5.24 -21.25
N LEU A 323 -22.93 -4.81 -20.60
CA LEU A 323 -24.25 -5.44 -20.83
C LEU A 323 -24.61 -5.38 -22.30
N ASN A 324 -23.96 -4.46 -23.01
CA ASN A 324 -24.10 -4.36 -24.47
C ASN A 324 -22.91 -3.61 -25.06
N GLU A 325 -21.71 -3.92 -24.56
CA GLU A 325 -20.49 -3.24 -24.99
C GLU A 325 -20.71 -1.73 -24.99
N ASN A 326 -20.95 -1.19 -23.80
CA ASN A 326 -21.28 0.23 -23.64
C ASN A 326 -20.16 1.03 -22.96
N ALA A 327 -20.19 2.35 -23.18
CA ALA A 327 -19.32 3.28 -22.49
C ALA A 327 -20.08 4.57 -22.18
N ASP A 328 -19.95 5.06 -20.95
CA ASP A 328 -20.54 6.34 -20.58
C ASP A 328 -19.44 7.20 -20.01
N GLU A 329 -19.32 8.43 -20.50
CA GLU A 329 -18.32 9.33 -19.94
C GLU A 329 -18.99 10.13 -18.82
N LEU A 330 -18.42 10.08 -17.61
CA LEU A 330 -18.98 10.87 -16.51
C LEU A 330 -18.69 12.34 -16.78
N PRO A 331 -19.52 13.22 -16.20
CA PRO A 331 -19.22 14.66 -16.33
C PRO A 331 -17.82 14.97 -15.81
N GLU A 332 -17.13 15.91 -16.44
CA GLU A 332 -15.78 16.24 -16.01
C GLU A 332 -15.79 16.69 -14.55
N PHE A 333 -14.81 16.26 -13.77
CA PHE A 333 -14.80 16.59 -12.35
C PHE A 333 -14.22 17.98 -12.08
N ARG A 334 -14.93 18.77 -11.29
N ARG A 334 -14.95 18.75 -11.29
N ARG A 334 -14.91 18.73 -11.22
CA ARG A 334 -14.48 20.10 -10.91
CA ARG A 334 -14.53 20.08 -10.85
CA ARG A 334 -14.55 20.12 -10.89
C ARG A 334 -13.07 20.05 -10.35
C ARG A 334 -13.11 20.06 -10.33
C ARG A 334 -13.30 20.26 -10.00
N ASP A 335 -12.87 19.15 -9.38
CA ASP A 335 -11.59 19.09 -8.70
C ASP A 335 -10.91 17.79 -9.06
N ARG A 336 -9.61 17.71 -8.81
CA ARG A 336 -8.84 16.53 -9.22
C ARG A 336 -9.33 15.25 -8.57
N VAL A 337 -9.45 14.19 -9.36
CA VAL A 337 -9.81 12.88 -8.84
C VAL A 337 -8.65 12.32 -8.04
N ILE A 338 -8.91 11.92 -6.79
CA ILE A 338 -7.85 11.47 -5.88
C ILE A 338 -7.91 9.98 -5.59
N LYS A 339 -9.11 9.47 -5.34
CA LYS A 339 -9.27 8.06 -4.97
C LYS A 339 -10.54 7.54 -5.59
N VAL A 340 -10.48 6.31 -6.11
CA VAL A 340 -11.63 5.73 -6.78
C VAL A 340 -11.78 4.30 -6.32
N SER A 341 -13.02 3.85 -6.17
CA SER A 341 -13.26 2.47 -5.74
C SER A 341 -14.50 1.94 -6.41
N LEU A 342 -14.52 0.65 -6.70
CA LEU A 342 -15.65 0.04 -7.37
C LEU A 342 -16.00 -1.26 -6.69
N GLY A 343 -17.29 -1.51 -6.47
CA GLY A 343 -17.71 -2.76 -5.87
C GLY A 343 -19.16 -2.73 -5.47
N TYR A 344 -19.78 -3.91 -5.40
CA TYR A 344 -21.12 -4.07 -4.84
C TYR A 344 -22.17 -3.22 -5.55
N GLY A 345 -21.94 -2.93 -6.82
CA GLY A 345 -22.90 -2.16 -7.59
C GLY A 345 -22.72 -0.65 -7.47
N TYR A 346 -21.65 -0.22 -6.81
CA TYR A 346 -21.40 1.22 -6.62
C TYR A 346 -20.00 1.64 -7.03
N LEU A 347 -19.91 2.84 -7.61
CA LEU A 347 -18.63 3.46 -7.93
C LEU A 347 -18.47 4.68 -7.01
N ILE A 348 -17.34 4.78 -6.33
CA ILE A 348 -17.04 5.91 -5.46
C ILE A 348 -15.90 6.71 -6.05
N VAL A 349 -16.12 8.01 -6.23
CA VAL A 349 -15.07 8.88 -6.73
C VAL A 349 -14.84 9.99 -5.73
N ALA A 350 -13.68 9.99 -5.10
CA ALA A 350 -13.33 11.07 -4.19
C ALA A 350 -12.42 12.03 -4.91
N THR A 351 -12.86 13.27 -5.03
CA THR A 351 -12.01 14.34 -5.53
C THR A 351 -11.38 15.04 -4.33
N ALA A 352 -10.60 16.07 -4.60
CA ALA A 352 -10.04 16.85 -3.50
C ALA A 352 -11.11 17.48 -2.58
N THR A 353 -12.32 17.69 -3.09
CA THR A 353 -13.35 18.35 -2.27
C THR A 353 -14.72 17.67 -2.18
N GLN A 354 -14.94 16.60 -2.93
CA GLN A 354 -16.26 15.99 -2.94
C GLN A 354 -16.14 14.49 -3.09
N CYS A 355 -17.08 13.77 -2.49
CA CYS A 355 -17.19 12.33 -2.68
C CYS A 355 -18.45 12.07 -3.49
N HIS A 356 -18.31 11.40 -4.63
CA HIS A 356 -19.43 11.05 -5.47
C HIS A 356 -19.70 9.56 -5.32
N VAL A 357 -20.95 9.19 -5.05
CA VAL A 357 -21.31 7.78 -4.98
C VAL A 357 -22.31 7.45 -6.09
N TYR A 358 -21.86 6.64 -7.05
CA TYR A 358 -22.69 6.28 -8.21
C TYR A 358 -23.24 4.88 -8.08
N ASN A 359 -24.55 4.74 -8.21
CA ASN A 359 -25.12 3.43 -8.55
C ASN A 359 -24.74 3.18 -10.00
N THR A 360 -23.99 2.12 -10.27
CA THR A 360 -23.43 1.94 -11.60
C THR A 360 -24.49 1.66 -12.66
N THR A 361 -25.74 1.44 -12.23
CA THR A 361 -26.83 1.28 -13.18
C THR A 361 -27.59 2.58 -13.38
N ASN A 362 -27.31 3.58 -12.54
CA ASN A 362 -27.95 4.88 -12.67
C ASN A 362 -26.94 6.03 -12.51
N LEU A 363 -26.03 6.14 -13.46
CA LEU A 363 -24.89 7.04 -13.35
C LEU A 363 -25.27 8.50 -13.29
N GLY A 364 -26.50 8.81 -13.70
CA GLY A 364 -26.96 10.17 -13.83
C GLY A 364 -27.35 10.81 -12.52
N THR A 365 -27.49 10.00 -11.47
CA THR A 365 -27.96 10.54 -10.20
C THR A 365 -27.12 10.07 -9.00
N PRO A 366 -25.84 10.47 -8.97
CA PRO A 366 -24.99 10.09 -7.83
C PRO A 366 -25.41 10.79 -6.55
N HIS A 367 -25.04 10.24 -5.40
CA HIS A 367 -25.13 10.97 -4.16
C HIS A 367 -23.77 11.63 -3.92
N ILE A 368 -23.78 12.91 -3.58
CA ILE A 368 -22.54 13.65 -3.45
C ILE A 368 -22.47 14.36 -2.11
N PHE A 369 -21.32 14.29 -1.43
CA PHE A 369 -21.13 15.05 -0.21
C PHE A 369 -19.74 15.69 -0.12
N ASP A 370 -19.61 16.75 0.68
CA ASP A 370 -18.35 17.48 0.78
C ASP A 370 -17.29 16.72 1.55
N LEU A 371 -16.05 16.83 1.09
CA LEU A 371 -14.90 16.34 1.81
C LEU A 371 -14.15 17.53 2.40
N LYS A 372 -13.67 17.39 3.62
CA LYS A 372 -12.89 18.46 4.25
C LYS A 372 -11.43 18.06 4.40
N ASP A 373 -11.04 16.90 3.87
CA ASP A 373 -9.63 16.52 3.88
C ASP A 373 -9.37 15.47 2.81
N THR A 374 -8.10 15.28 2.51
CA THR A 374 -7.69 14.33 1.47
C THR A 374 -8.05 12.91 1.88
N VAL A 375 -8.83 12.24 1.03
CA VAL A 375 -9.12 10.84 1.25
C VAL A 375 -7.87 9.99 1.01
N THR A 376 -7.56 9.11 1.96
CA THR A 376 -6.34 8.31 1.85
C THR A 376 -6.65 6.83 1.65
N LEU A 377 -7.91 6.46 1.82
CA LEU A 377 -8.30 5.07 1.61
C LEU A 377 -9.79 4.97 1.39
N LEU A 378 -10.20 4.09 0.48
CA LEU A 378 -11.60 3.72 0.31
C LEU A 378 -11.73 2.19 0.36
N LEU A 379 -12.65 1.69 1.19
CA LEU A 379 -12.97 0.26 1.21
C LEU A 379 -14.47 0.10 1.08
N GLN A 380 -14.90 -1.00 0.48
CA GLN A 380 -16.34 -1.19 0.24
C GLN A 380 -16.82 -2.55 0.74
N ALA A 381 -18.02 -2.55 1.26
CA ALA A 381 -18.73 -3.78 1.60
C ALA A 381 -20.11 -3.69 0.97
N GLU A 382 -20.89 -4.76 1.10
CA GLU A 382 -22.19 -4.78 0.47
C GLU A 382 -23.11 -3.67 0.93
N ARG A 383 -23.11 -3.37 2.23
N ARG A 383 -23.12 -3.39 2.24
CA ARG A 383 -24.12 -2.48 2.80
CA ARG A 383 -24.11 -2.48 2.82
C ARG A 383 -23.59 -1.09 3.19
C ARG A 383 -23.65 -1.01 2.89
N HIS A 384 -22.34 -0.81 2.89
CA HIS A 384 -21.77 0.51 3.21
C HIS A 384 -20.33 0.59 2.80
N PHE A 385 -19.73 1.76 2.93
CA PHE A 385 -18.32 1.83 2.61
C PHE A 385 -17.54 2.60 3.67
N LEU A 386 -16.23 2.50 3.59
CA LEU A 386 -15.38 3.14 4.56
C LEU A 386 -14.50 4.17 3.84
N LEU A 387 -14.43 5.36 4.42
CA LEU A 387 -13.61 6.42 3.89
C LEU A 387 -12.64 6.87 4.99
N LEU A 388 -11.37 6.97 4.65
CA LEU A 388 -10.36 7.35 5.61
C LEU A 388 -9.75 8.69 5.23
N ASP A 389 -9.52 9.55 6.22
CA ASP A 389 -8.68 10.72 6.04
C ASP A 389 -7.92 10.99 7.36
N ASN A 390 -7.03 11.97 7.36
CA ASN A 390 -6.20 12.19 8.55
C ASN A 390 -6.76 13.26 9.49
N SER A 391 -8.01 13.63 9.27
N SER A 391 -8.03 13.61 9.31
CA SER A 391 -8.68 14.58 10.14
CA SER A 391 -8.67 14.60 10.17
C SER A 391 -9.71 13.87 10.99
C SER A 391 -9.76 13.97 11.02
N ALA A 392 -10.85 13.55 10.39
CA ALA A 392 -11.90 12.84 11.08
C ALA A 392 -11.54 11.34 11.24
N GLY A 393 -10.67 10.82 10.40
CA GLY A 393 -10.21 9.46 10.56
C GLY A 393 -11.10 8.44 9.86
N ILE A 394 -11.38 7.31 10.53
CA ILE A 394 -12.20 6.24 9.95
C ILE A 394 -13.68 6.59 9.93
N GLN A 395 -14.25 6.68 8.72
CA GLN A 395 -15.65 7.07 8.58
C GLN A 395 -16.43 6.05 7.76
N ILE A 396 -17.54 5.58 8.32
CA ILE A 396 -18.38 4.59 7.65
C ILE A 396 -19.59 5.30 7.08
N TYR A 397 -19.83 5.10 5.79
CA TYR A 397 -20.90 5.79 5.04
C TYR A 397 -21.92 4.84 4.44
N THR A 398 -23.19 5.22 4.42
CA THR A 398 -24.17 4.54 3.56
C THR A 398 -23.86 4.88 2.11
N TYR A 399 -24.41 4.11 1.19
CA TYR A 399 -24.18 4.39 -0.22
C TYR A 399 -25.04 5.56 -0.72
N GLU A 400 -25.81 6.16 0.20
CA GLU A 400 -26.52 7.41 -0.11
C GLU A 400 -25.79 8.58 0.51
N GLY A 401 -24.63 8.32 1.10
CA GLY A 401 -23.75 9.38 1.55
C GLY A 401 -23.98 9.88 2.96
N ARG A 402 -24.61 9.06 3.81
CA ARG A 402 -24.84 9.44 5.21
C ARG A 402 -23.78 8.81 6.09
N GLN A 403 -23.10 9.60 6.93
CA GLN A 403 -22.08 9.04 7.80
C GLN A 403 -22.74 8.26 8.95
N ILE A 404 -22.42 6.98 9.03
CA ILE A 404 -23.01 6.11 10.05
C ILE A 404 -22.28 6.21 11.38
N CYS A 405 -20.96 6.09 11.35
CA CYS A 405 -20.16 6.17 12.57
C CYS A 405 -18.71 6.53 12.25
N ASN A 406 -17.94 6.74 13.31
CA ASN A 406 -16.56 7.16 13.21
C ASN A 406 -15.73 6.42 14.26
N PRO A 407 -15.40 5.16 13.98
CA PRO A 407 -14.62 4.32 14.90
C PRO A 407 -13.27 4.96 15.19
N ARG A 408 -12.82 4.92 16.44
CA ARG A 408 -11.54 5.49 16.84
C ARG A 408 -10.99 4.74 18.04
N PHE A 409 -9.71 4.93 18.34
CA PHE A 409 -9.16 4.41 19.58
C PHE A 409 -7.91 5.16 19.95
N GLN A 410 -7.61 5.22 21.24
CA GLN A 410 -6.46 5.97 21.73
C GLN A 410 -5.17 5.48 21.09
N GLY A 411 -4.41 6.40 20.49
CA GLY A 411 -3.15 6.04 19.88
C GLY A 411 -3.29 5.56 18.45
N LEU A 412 -4.50 5.60 17.89
CA LEU A 412 -4.70 5.32 16.46
C LEU A 412 -3.96 6.35 15.61
N ARG A 413 -3.17 5.86 14.67
N ARG A 413 -3.16 5.87 14.67
CA ARG A 413 -2.48 6.73 13.72
CA ARG A 413 -2.50 6.76 13.73
C ARG A 413 -3.04 6.46 12.32
C ARG A 413 -3.03 6.48 12.33
N THR A 414 -4.00 7.28 11.91
CA THR A 414 -4.71 7.05 10.65
C THR A 414 -3.80 7.11 9.43
N GLU A 415 -2.73 7.92 9.51
CA GLU A 415 -1.84 8.09 8.35
C GLU A 415 -1.04 6.83 8.09
N LEU A 416 -1.06 5.90 9.03
CA LEU A 416 -0.36 4.64 8.83
C LEU A 416 -1.26 3.51 8.36
N LEU A 417 -2.53 3.78 8.05
CA LEU A 417 -3.41 2.68 7.62
C LEU A 417 -3.48 2.52 6.11
N ASN A 418 -3.13 1.33 5.61
CA ASN A 418 -3.44 0.98 4.22
C ASN A 418 -4.41 -0.22 4.24
N ALA A 419 -4.71 -0.77 3.08
CA ALA A 419 -5.66 -1.88 2.95
C ALA A 419 -5.21 -3.17 3.66
N GLN A 420 -3.94 -3.26 4.01
CA GLN A 420 -3.44 -4.40 4.78
C GLN A 420 -3.70 -4.26 6.27
N MET A 421 -3.89 -3.01 6.73
CA MET A 421 -3.98 -2.66 8.15
CA MET A 421 -3.99 -2.77 8.17
C MET A 421 -5.40 -2.47 8.66
N ILE A 422 -6.34 -2.27 7.74
CA ILE A 422 -7.74 -2.06 8.13
C ILE A 422 -8.63 -2.76 7.09
N THR A 423 -9.68 -3.41 7.57
CA THR A 423 -10.49 -4.25 6.70
C THR A 423 -11.95 -4.09 7.10
N LEU A 424 -12.83 -4.18 6.12
CA LEU A 424 -14.23 -3.86 6.33
C LEU A 424 -15.09 -5.08 6.01
N SER A 425 -16.27 -5.13 6.61
CA SER A 425 -17.30 -6.13 6.30
C SER A 425 -18.66 -5.51 6.59
N ASN A 426 -19.73 -6.28 6.37
CA ASN A 426 -21.09 -5.77 6.64
C ASN A 426 -21.39 -5.44 8.09
N ASP A 427 -20.64 -5.97 9.05
CA ASP A 427 -20.99 -5.73 10.45
C ASP A 427 -19.80 -5.30 11.32
N THR A 428 -18.60 -5.41 10.76
CA THR A 428 -17.38 -5.32 11.55
C THR A 428 -16.25 -4.63 10.81
N ILE A 429 -15.46 -3.87 11.56
N ILE A 429 -15.47 -3.81 11.50
CA ILE A 429 -14.19 -3.32 11.11
CA ILE A 429 -14.17 -3.45 10.94
C ILE A 429 -13.07 -3.93 11.95
C ILE A 429 -13.10 -3.96 11.89
N ALA A 430 -11.95 -4.28 11.33
CA ALA A 430 -10.79 -4.71 12.12
C ALA A 430 -9.63 -3.80 11.77
N VAL A 431 -8.90 -3.38 12.79
CA VAL A 431 -7.77 -2.48 12.60
C VAL A 431 -6.53 -2.99 13.30
N LEU A 432 -5.42 -3.02 12.60
CA LEU A 432 -4.15 -3.42 13.19
C LEU A 432 -3.55 -2.21 13.90
N ASP A 433 -3.37 -2.35 15.21
CA ASP A 433 -2.80 -1.28 16.04
C ASP A 433 -1.34 -1.63 16.34
N GLN A 434 -0.45 -1.03 15.55
CA GLN A 434 0.99 -1.31 15.61
C GLN A 434 1.73 -0.26 16.41
N GLN A 435 2.45 -0.72 17.43
CA GLN A 435 3.25 0.17 18.24
C GLN A 435 4.49 -0.55 18.75
N ALA A 436 5.45 0.21 19.25
CA ALA A 436 6.65 -0.38 19.82
C ALA A 436 6.27 -1.32 20.95
N SER A 437 5.27 -0.92 21.73
CA SER A 437 4.83 -1.71 22.88
C SER A 437 4.13 -3.01 22.47
N GLY A 438 3.15 -2.92 21.57
CA GLY A 438 2.42 -4.11 21.18
C GLY A 438 1.67 -4.07 19.86
N THR A 439 1.58 -5.24 19.23
CA THR A 439 0.76 -5.41 18.04
C THR A 439 -0.57 -6.06 18.46
N THR A 440 -1.67 -5.32 18.29
CA THR A 440 -2.97 -5.86 18.63
C THR A 440 -3.96 -5.55 17.53
N VAL A 441 -4.91 -6.45 17.35
CA VAL A 441 -6.00 -6.22 16.39
C VAL A 441 -7.21 -5.73 17.17
N ARG A 442 -7.79 -4.62 16.74
CA ARG A 442 -8.97 -4.08 17.41
C ARG A 442 -10.18 -4.17 16.49
N PHE A 443 -11.31 -4.64 17.03
CA PHE A 443 -12.54 -4.76 16.26
C PHE A 443 -13.54 -3.68 16.66
N PHE A 444 -14.34 -3.23 15.70
CA PHE A 444 -15.41 -2.26 15.97
C PHE A 444 -16.62 -2.62 15.15
N ASP A 445 -17.82 -2.36 15.67
CA ASP A 445 -18.98 -2.64 14.84
C ASP A 445 -19.27 -1.47 13.89
N THR A 446 -20.01 -1.75 12.82
CA THR A 446 -20.23 -0.75 11.79
C THR A 446 -21.51 0.05 12.04
N ALA A 447 -22.28 -0.37 13.04
CA ALA A 447 -23.52 0.35 13.39
C ALA A 447 -23.19 1.59 14.20
N GLN A 448 -22.37 1.44 15.23
CA GLN A 448 -22.10 2.52 16.15
C GLN A 448 -20.62 2.82 16.26
N GLY A 449 -19.81 1.97 15.65
CA GLY A 449 -18.36 2.10 15.75
C GLY A 449 -17.89 1.72 17.15
N ARG A 450 -18.70 0.97 17.89
CA ARG A 450 -18.27 0.59 19.24
C ARG A 450 -17.31 -0.59 19.19
N PRO A 451 -16.40 -0.66 20.18
CA PRO A 451 -15.45 -1.77 20.23
C PRO A 451 -16.19 -3.09 20.33
N VAL A 452 -15.65 -4.12 19.70
CA VAL A 452 -16.23 -5.45 19.75
C VAL A 452 -15.25 -6.40 20.41
N GLY A 453 -15.66 -6.97 21.54
CA GLY A 453 -14.84 -7.91 22.28
C GLY A 453 -13.57 -7.34 22.87
N GLU A 454 -12.65 -8.23 23.17
CA GLU A 454 -11.34 -7.86 23.69
C GLU A 454 -10.36 -7.76 22.52
N PRO A 455 -9.55 -6.69 22.49
CA PRO A 455 -8.49 -6.61 21.47
C PRO A 455 -7.57 -7.84 21.47
N TRP A 456 -7.21 -8.35 20.29
CA TRP A 456 -6.39 -9.54 20.18
C TRP A 456 -4.91 -9.22 20.00
N GLN A 457 -4.07 -9.73 20.90
CA GLN A 457 -2.64 -9.49 20.81
C GLN A 457 -1.93 -10.68 20.18
N HIS A 458 -1.06 -10.39 19.22
CA HIS A 458 -0.23 -11.43 18.63
C HIS A 458 1.16 -11.33 19.25
N THR A 459 1.90 -12.43 19.22
CA THR A 459 3.25 -12.47 19.76
C THR A 459 4.27 -11.90 18.78
N LEU A 460 3.94 -11.94 17.50
CA LEU A 460 4.82 -11.42 16.45
C LEU A 460 4.21 -10.22 15.75
N GLU A 461 5.05 -9.48 15.03
CA GLU A 461 4.57 -8.41 14.17
C GLU A 461 3.65 -9.00 13.10
N VAL A 462 2.62 -8.24 12.73
CA VAL A 462 1.65 -8.68 11.73
C VAL A 462 1.81 -7.94 10.41
N LYS A 463 1.75 -8.68 9.29
CA LYS A 463 1.87 -8.07 7.97
C LYS A 463 0.53 -7.55 7.46
N GLU A 464 -0.53 -8.33 7.65
CA GLU A 464 -1.81 -7.90 7.14
C GLU A 464 -2.94 -8.70 7.75
N ILE A 465 -4.14 -8.11 7.71
CA ILE A 465 -5.34 -8.76 8.24
C ILE A 465 -6.48 -8.58 7.22
N ALA A 466 -7.48 -9.46 7.24
CA ALA A 466 -8.60 -9.31 6.31
C ALA A 466 -9.81 -10.04 6.85
N LEU A 467 -10.97 -9.38 6.79
CA LEU A 467 -12.23 -9.97 7.25
C LEU A 467 -12.97 -10.72 6.13
N SER A 468 -13.55 -11.86 6.50
CA SER A 468 -14.44 -12.57 5.58
C SER A 468 -15.69 -11.73 5.34
N GLN A 469 -16.40 -12.01 4.26
CA GLN A 469 -17.48 -11.11 3.84
C GLN A 469 -18.87 -11.75 3.97
N ALA A 470 -18.92 -13.07 3.86
CA ALA A 470 -20.18 -13.81 3.86
C ALA A 470 -20.81 -13.98 5.23
N GLY A 471 -22.14 -14.08 5.23
CA GLY A 471 -22.88 -14.42 6.44
C GLY A 471 -23.02 -13.27 7.41
N THR A 472 -23.28 -13.64 8.67
CA THR A 472 -23.59 -12.69 9.73
C THR A 472 -22.42 -12.55 10.69
N ILE A 473 -22.63 -11.81 11.77
CA ILE A 473 -21.60 -11.56 12.76
C ILE A 473 -21.01 -12.84 13.34
N ASN A 474 -21.83 -13.87 13.52
CA ASN A 474 -21.34 -15.12 14.07
C ASN A 474 -20.50 -15.91 13.06
N ASP A 475 -20.63 -15.54 11.79
CA ASP A 475 -19.82 -16.14 10.73
C ASP A 475 -18.52 -15.39 10.52
N ARG A 476 -18.43 -14.16 11.01
CA ARG A 476 -17.33 -13.27 10.63
C ARG A 476 -15.97 -13.78 11.13
N GLN A 477 -15.00 -13.91 10.22
CA GLN A 477 -13.68 -14.42 10.54
CA GLN A 477 -13.68 -14.37 10.60
C GLN A 477 -12.58 -13.47 10.05
N LEU A 478 -11.49 -13.41 10.80
CA LEU A 478 -10.32 -12.67 10.39
C LEU A 478 -9.19 -13.62 10.02
N ILE A 479 -8.49 -13.34 8.93
CA ILE A 479 -7.19 -13.98 8.75
C ILE A 479 -6.10 -12.98 9.13
N VAL A 480 -4.99 -13.53 9.59
CA VAL A 480 -3.83 -12.76 10.00
C VAL A 480 -2.59 -13.40 9.38
N ILE A 481 -1.79 -12.63 8.68
CA ILE A 481 -0.50 -13.13 8.23
C ILE A 481 0.58 -12.38 9.01
N ASP A 482 1.44 -13.10 9.73
CA ASP A 482 2.43 -12.41 10.54
C ASP A 482 3.79 -12.40 9.84
N ARG A 483 4.80 -11.83 10.50
N ARG A 483 4.78 -11.81 10.51
CA ARG A 483 6.08 -11.61 9.84
CA ARG A 483 6.10 -11.60 9.95
C ARG A 483 6.89 -12.90 9.67
C ARG A 483 6.81 -12.91 9.61
N ASN A 484 6.46 -13.98 10.31
CA ASN A 484 7.07 -15.28 10.09
C ASN A 484 6.42 -16.01 8.89
N ARG A 485 5.48 -15.32 8.24
CA ARG A 485 4.66 -15.87 7.14
C ARG A 485 3.70 -16.97 7.61
N ASP A 486 3.35 -16.95 8.89
CA ASP A 486 2.30 -17.85 9.38
C ASP A 486 0.92 -17.24 9.17
N LEU A 487 -0.04 -18.08 8.81
CA LEU A 487 -1.41 -17.65 8.54
C LEU A 487 -2.31 -18.15 9.67
N TYR A 488 -3.01 -17.22 10.32
CA TYR A 488 -3.93 -17.55 11.41
C TYR A 488 -5.36 -17.20 11.06
N LEU A 489 -6.29 -17.96 11.65
CA LEU A 489 -7.71 -17.69 11.56
C LEU A 489 -8.19 -17.27 12.95
N LEU A 490 -9.03 -16.23 12.99
CA LEU A 490 -9.50 -15.65 14.24
C LEU A 490 -10.95 -15.20 14.08
N PRO A 491 -11.89 -15.86 14.76
CA PRO A 491 -13.29 -15.44 14.65
C PRO A 491 -13.49 -14.15 15.42
N VAL A 492 -14.39 -13.29 14.97
CA VAL A 492 -14.62 -12.06 15.70
C VAL A 492 -15.30 -12.33 17.03
N MET A 493 -16.33 -13.19 17.04
CA MET A 493 -17.09 -13.42 18.27
C MET A 493 -16.52 -14.51 19.20
N LYS A 494 -16.25 -15.70 18.70
CA LYS A 494 -15.70 -16.74 19.58
C LYS A 494 -14.23 -16.48 19.89
N ARG A 495 -13.60 -15.72 19.00
CA ARG A 495 -12.19 -15.33 19.05
C ARG A 495 -11.23 -16.25 19.77
N HIS A 496 -11.03 -17.44 19.21
N HIS A 496 -11.04 -17.44 19.21
CA HIS A 496 -9.91 -18.29 19.61
CA HIS A 496 -9.94 -18.32 19.60
C HIS A 496 -9.09 -18.57 18.36
C HIS A 496 -9.09 -18.61 18.37
N VAL A 497 -7.82 -18.18 18.40
CA VAL A 497 -6.97 -18.25 17.22
C VAL A 497 -6.60 -19.67 16.82
N ALA A 498 -6.46 -19.91 15.52
CA ALA A 498 -5.95 -21.18 15.02
C ALA A 498 -5.00 -20.94 13.86
N LYS A 499 -3.90 -21.66 13.84
CA LYS A 499 -2.95 -21.58 12.75
C LYS A 499 -3.44 -22.42 11.56
N LEU A 500 -3.47 -21.83 10.38
CA LEU A 500 -3.92 -22.52 9.19
C LEU A 500 -2.77 -22.95 8.29
N ALA A 501 -1.68 -22.17 8.28
CA ALA A 501 -0.60 -22.48 7.36
C ALA A 501 0.71 -21.79 7.74
N ALA A 502 1.81 -22.35 7.24
CA ALA A 502 3.13 -21.74 7.29
C ALA A 502 3.55 -21.35 5.88
N MET A 503 4.56 -20.49 5.77
CA MET A 503 5.09 -20.10 4.47
C MET A 503 4.01 -19.49 3.60
N CYS A 504 3.19 -18.64 4.21
CA CYS A 504 2.08 -17.99 3.51
C CYS A 504 2.48 -16.61 2.99
N ASP A 505 2.39 -16.41 1.68
CA ASP A 505 2.72 -15.12 1.07
C ASP A 505 1.51 -14.21 0.86
N SER A 506 0.33 -14.79 0.82
N SER A 506 0.33 -14.81 0.84
CA SER A 506 -0.89 -14.00 0.64
CA SER A 506 -0.89 -14.07 0.55
C SER A 506 -2.13 -14.85 0.87
C SER A 506 -2.11 -14.89 1.00
N ALA A 507 -3.24 -14.20 1.22
CA ALA A 507 -4.50 -14.91 1.46
C ALA A 507 -5.64 -14.00 1.07
N ARG A 508 -6.72 -14.60 0.59
CA ARG A 508 -7.88 -13.81 0.23
C ARG A 508 -9.18 -14.57 0.46
N TRP A 509 -10.11 -13.92 1.15
CA TRP A 509 -11.46 -14.46 1.29
C TRP A 509 -12.21 -14.51 -0.04
N HIS A 510 -13.04 -15.54 -0.21
CA HIS A 510 -13.95 -15.66 -1.35
C HIS A 510 -14.96 -14.52 -1.30
N ASP A 511 -15.39 -14.04 -2.46
N ASP A 511 -15.43 -14.05 -2.44
CA ASP A 511 -16.29 -12.88 -2.48
CA ASP A 511 -16.27 -12.85 -2.44
C ASP A 511 -17.64 -13.19 -1.83
C ASP A 511 -17.75 -13.11 -2.13
N SER A 512 -18.17 -14.38 -2.11
CA SER A 512 -19.58 -14.68 -1.81
C SER A 512 -19.80 -15.82 -0.82
N THR A 513 -18.73 -16.41 -0.29
CA THR A 513 -18.87 -17.51 0.65
C THR A 513 -17.79 -17.44 1.71
N ALA A 514 -17.90 -18.33 2.68
CA ALA A 514 -16.92 -18.43 3.74
C ALA A 514 -15.62 -19.12 3.31
N MET A 515 -15.44 -19.39 2.01
CA MET A 515 -14.20 -20.06 1.58
C MET A 515 -12.99 -19.14 1.61
N LEU A 516 -11.81 -19.74 1.73
CA LEU A 516 -10.55 -19.00 1.86
C LEU A 516 -9.51 -19.52 0.88
N SER A 517 -8.78 -18.60 0.25
CA SER A 517 -7.65 -18.98 -0.60
C SER A 517 -6.35 -18.43 -0.02
N ALA A 518 -5.24 -19.13 -0.28
CA ALA A 518 -3.95 -18.59 0.13
C ALA A 518 -2.80 -19.15 -0.68
N MET A 519 -1.70 -18.41 -0.70
N MET A 519 -1.71 -18.38 -0.75
CA MET A 519 -0.45 -18.88 -1.26
CA MET A 519 -0.45 -18.88 -1.26
C MET A 519 0.35 -19.53 -0.14
C MET A 519 0.26 -19.54 -0.09
N VAL A 520 0.52 -20.83 -0.22
CA VAL A 520 1.19 -21.60 0.82
C VAL A 520 2.38 -22.32 0.20
N ASP A 521 3.58 -21.93 0.61
CA ASP A 521 4.83 -22.30 -0.06
C ASP A 521 4.69 -22.23 -1.59
N GLN A 522 4.13 -21.11 -2.07
CA GLN A 522 4.05 -20.81 -3.51
C GLN A 522 3.01 -21.65 -4.26
N ARG A 523 2.21 -22.41 -3.51
CA ARG A 523 1.10 -23.16 -4.07
C ARG A 523 -0.24 -22.55 -3.70
N LEU A 524 -1.22 -22.69 -4.58
CA LEU A 524 -2.58 -22.22 -4.28
C LEU A 524 -3.27 -23.22 -3.38
N CYS A 525 -3.69 -22.77 -2.20
CA CYS A 525 -4.47 -23.63 -1.30
C CYS A 525 -5.83 -23.02 -1.08
N VAL A 526 -6.87 -23.87 -1.10
CA VAL A 526 -8.22 -23.40 -0.83
C VAL A 526 -8.82 -24.19 0.32
N TRP A 527 -9.37 -23.48 1.30
CA TRP A 527 -10.17 -24.07 2.37
C TRP A 527 -11.66 -23.93 2.04
N TYR A 528 -12.34 -25.05 1.85
CA TYR A 528 -13.77 -25.01 1.57
C TYR A 528 -14.60 -24.67 2.81
N TYR A 529 -14.01 -24.88 4.00
CA TYR A 529 -14.72 -24.65 5.26
C TYR A 529 -13.74 -24.42 6.38
N PRO A 530 -13.09 -23.24 6.37
CA PRO A 530 -11.96 -22.94 7.27
C PRO A 530 -12.30 -23.09 8.76
N SER A 531 -13.55 -22.80 9.13
CA SER A 531 -14.05 -22.93 10.51
C SER A 531 -13.88 -24.32 11.08
N GLU A 532 -13.74 -25.33 10.21
CA GLU A 532 -13.61 -26.69 10.68
C GLU A 532 -12.36 -26.88 11.53
N VAL A 533 -11.39 -25.97 11.39
CA VAL A 533 -10.15 -26.11 12.15
C VAL A 533 -10.41 -26.09 13.66
N TYR A 534 -11.49 -25.43 14.08
CA TYR A 534 -11.81 -25.34 15.51
C TYR A 534 -12.53 -26.60 15.99
N VAL A 535 -13.02 -27.40 15.04
CA VAL A 535 -13.90 -28.51 15.37
C VAL A 535 -13.23 -29.87 15.20
N ASP A 536 -12.59 -30.07 14.06
CA ASP A 536 -12.12 -31.40 13.69
C ASP A 536 -10.97 -31.27 12.72
N LYS A 537 -9.75 -31.49 13.21
CA LYS A 537 -8.55 -31.31 12.40
C LYS A 537 -8.50 -32.23 11.20
N ASP A 538 -9.10 -33.42 11.34
CA ASP A 538 -9.06 -34.41 10.29
C ASP A 538 -9.99 -34.03 9.13
N LEU A 539 -11.19 -33.57 9.48
CA LEU A 539 -12.13 -33.10 8.48
C LEU A 539 -11.67 -31.77 7.89
N LEU A 540 -10.98 -30.96 8.69
CA LEU A 540 -10.40 -29.73 8.16
C LEU A 540 -9.46 -30.06 6.99
N ALA A 541 -8.59 -31.03 7.19
CA ALA A 541 -7.69 -31.46 6.12
C ALA A 541 -8.46 -32.01 4.90
N LYS A 542 -9.56 -32.70 5.12
CA LYS A 542 -10.35 -33.25 4.01
C LYS A 542 -11.08 -32.14 3.24
N THR A 543 -11.26 -30.98 3.88
CA THR A 543 -11.91 -29.83 3.23
C THR A 543 -10.88 -28.79 2.80
N ARG A 544 -9.63 -29.21 2.68
CA ARG A 544 -8.56 -28.29 2.27
C ARG A 544 -7.83 -28.88 1.08
N TYR A 545 -7.78 -28.13 -0.02
CA TYR A 545 -7.18 -28.63 -1.24
C TYR A 545 -6.05 -27.75 -1.76
N THR A 546 -4.88 -28.35 -1.91
CA THR A 546 -3.72 -27.67 -2.46
C THR A 546 -3.36 -28.23 -3.83
N LYS A 547 -3.29 -27.34 -4.81
CA LYS A 547 -2.84 -27.73 -6.14
C LYS A 547 -1.32 -27.90 -6.11
N SER A 548 -0.88 -29.14 -5.93
CA SER A 548 0.54 -29.42 -5.63
C SER A 548 1.52 -29.07 -6.75
N ASP A 549 1.09 -29.15 -8.00
CA ASP A 549 2.01 -28.99 -9.13
C ASP A 549 2.09 -27.57 -9.70
N SER A 550 1.29 -26.65 -9.17
CA SER A 550 1.30 -25.29 -9.71
C SER A 550 2.08 -24.32 -8.81
N ASP A 551 3.19 -23.83 -9.33
CA ASP A 551 4.13 -22.98 -8.57
C ASP A 551 3.94 -21.55 -9.03
N PHE A 552 3.54 -20.66 -8.11
CA PHE A 552 3.27 -19.27 -8.48
C PHE A 552 4.48 -18.39 -8.26
N GLY A 553 5.61 -19.00 -7.92
CA GLY A 553 6.83 -18.25 -7.67
C GLY A 553 6.84 -17.60 -6.30
N LYS A 554 7.88 -16.81 -6.02
CA LYS A 554 8.00 -16.16 -4.71
C LYS A 554 7.04 -15.00 -4.56
N SER A 555 6.53 -14.82 -3.35
CA SER A 555 5.84 -13.60 -2.96
C SER A 555 4.64 -13.30 -3.83
N ALA A 556 3.93 -14.34 -4.27
CA ALA A 556 2.76 -14.12 -5.12
C ALA A 556 1.60 -13.59 -4.31
N GLN A 557 0.78 -12.75 -4.93
CA GLN A 557 -0.34 -12.09 -4.25
C GLN A 557 -1.68 -12.41 -4.91
N ILE A 558 -2.59 -13.02 -4.17
CA ILE A 558 -3.92 -13.32 -4.71
C ILE A 558 -4.72 -12.02 -4.85
N GLN A 559 -5.15 -11.72 -6.06
N GLN A 559 -5.15 -11.73 -6.07
CA GLN A 559 -5.91 -10.48 -6.29
CA GLN A 559 -5.86 -10.48 -6.41
C GLN A 559 -7.40 -10.69 -6.11
C GLN A 559 -7.39 -10.62 -6.34
N LEU A 560 -7.87 -11.86 -6.53
CA LEU A 560 -9.32 -12.11 -6.50
C LEU A 560 -9.60 -13.59 -6.31
N PHE A 561 -10.63 -13.91 -5.50
CA PHE A 561 -11.11 -15.27 -5.31
C PHE A 561 -12.63 -15.20 -5.38
N ALA A 562 -13.19 -15.54 -6.53
CA ALA A 562 -14.64 -15.37 -6.75
C ALA A 562 -15.11 -16.38 -7.77
N GLY A 563 -16.38 -16.78 -7.66
CA GLY A 563 -16.90 -17.83 -8.50
C GLY A 563 -15.99 -19.03 -8.34
N ASN A 564 -15.49 -19.53 -9.46
CA ASN A 564 -14.62 -20.70 -9.44
C ASN A 564 -13.27 -20.34 -10.01
N ARG A 565 -12.79 -19.14 -9.67
CA ARG A 565 -11.48 -18.76 -10.15
C ARG A 565 -10.73 -17.93 -9.13
N CYS A 566 -9.41 -18.00 -9.22
N CYS A 566 -9.42 -18.12 -9.12
CA CYS A 566 -8.55 -17.23 -8.34
CA CYS A 566 -8.50 -17.25 -8.40
C CYS A 566 -7.48 -16.60 -9.20
C CYS A 566 -7.67 -16.53 -9.44
N LEU A 567 -7.39 -15.26 -9.18
CA LEU A 567 -6.46 -14.53 -10.00
C LEU A 567 -5.29 -14.22 -9.11
N VAL A 568 -4.09 -14.58 -9.55
CA VAL A 568 -2.91 -14.45 -8.70
C VAL A 568 -1.85 -13.63 -9.41
N ARG A 569 -1.42 -12.54 -8.79
CA ARG A 569 -0.37 -11.73 -9.37
C ARG A 569 0.99 -12.25 -8.92
N ARG A 570 1.81 -12.66 -9.88
N ARG A 570 1.82 -12.64 -9.88
CA ARG A 570 3.17 -13.09 -9.55
CA ARG A 570 3.16 -13.10 -9.54
C ARG A 570 4.03 -11.88 -9.20
C ARG A 570 4.12 -11.93 -9.37
N SER A 571 5.19 -12.16 -8.61
CA SER A 571 6.24 -11.16 -8.37
C SER A 571 6.73 -10.53 -9.67
N ASP A 572 6.72 -11.30 -10.76
CA ASP A 572 7.16 -10.74 -12.03
C ASP A 572 6.05 -9.95 -12.77
N GLY A 573 4.90 -9.78 -12.14
CA GLY A 573 3.87 -8.91 -12.70
C GLY A 573 2.85 -9.66 -13.55
N VAL A 574 3.09 -10.94 -13.78
CA VAL A 574 2.16 -11.74 -14.59
C VAL A 574 0.93 -12.07 -13.76
N LEU A 575 -0.25 -11.91 -14.34
CA LEU A 575 -1.48 -12.29 -13.65
C LEU A 575 -1.94 -13.70 -14.09
N VAL A 576 -1.99 -14.63 -13.15
CA VAL A 576 -2.33 -16.02 -13.47
C VAL A 576 -3.78 -16.26 -13.13
N SER A 577 -4.49 -16.93 -14.05
CA SER A 577 -5.86 -17.37 -13.78
C SER A 577 -5.85 -18.85 -13.40
N ALA A 578 -6.28 -19.17 -12.18
CA ALA A 578 -6.35 -20.56 -11.73
C ALA A 578 -7.79 -20.99 -11.46
N ALA A 579 -8.22 -22.07 -12.08
CA ALA A 579 -9.56 -22.61 -11.84
C ALA A 579 -9.62 -23.30 -10.50
N THR A 580 -10.68 -23.06 -9.74
CA THR A 580 -10.93 -23.79 -8.50
C THR A 580 -12.21 -24.61 -8.72
N SER A 581 -12.66 -25.34 -7.69
CA SER A 581 -13.78 -26.28 -7.88
C SER A 581 -15.08 -25.56 -8.25
N PRO A 582 -15.82 -26.08 -9.23
CA PRO A 582 -17.09 -25.43 -9.57
C PRO A 582 -18.19 -25.67 -8.52
N TYR A 583 -17.97 -26.61 -7.60
CA TYR A 583 -19.06 -27.12 -6.76
C TYR A 583 -19.33 -26.46 -5.40
N PRO A 584 -18.29 -26.10 -4.63
CA PRO A 584 -18.56 -25.74 -3.23
C PRO A 584 -19.45 -24.49 -3.07
N ALA A 585 -19.36 -23.53 -3.98
CA ALA A 585 -20.25 -22.37 -3.90
C ALA A 585 -21.72 -22.78 -4.09
N VAL A 586 -21.95 -23.78 -4.93
CA VAL A 586 -23.31 -24.28 -5.10
C VAL A 586 -23.80 -24.92 -3.79
N LEU A 587 -22.93 -25.66 -3.11
CA LEU A 587 -23.32 -26.27 -1.85
C LEU A 587 -23.68 -25.20 -0.84
N TYR A 588 -22.87 -24.14 -0.77
CA TYR A 588 -23.15 -23.04 0.14
C TYR A 588 -24.53 -22.45 -0.16
N ASP A 589 -24.80 -22.19 -1.44
CA ASP A 589 -26.08 -21.63 -1.84
C ASP A 589 -27.22 -22.56 -1.45
N MET A 590 -27.10 -23.84 -1.77
CA MET A 590 -28.13 -24.81 -1.42
C MET A 590 -28.39 -24.84 0.08
N ILE A 591 -27.32 -24.80 0.86
CA ILE A 591 -27.48 -24.99 2.30
C ILE A 591 -28.05 -23.75 3.00
N ARG A 592 -27.78 -22.57 2.47
N ARG A 592 -27.77 -22.57 2.47
CA ARG A 592 -28.38 -21.37 3.04
CA ARG A 592 -28.38 -21.37 3.04
C ARG A 592 -29.85 -21.28 2.66
C ARG A 592 -29.87 -21.35 2.72
N LYS A 593 -30.26 -22.13 1.70
CA LYS A 593 -31.66 -22.26 1.33
C LYS A 593 -32.27 -23.50 1.97
N GLN A 594 -31.50 -24.13 2.86
CA GLN A 594 -31.97 -25.34 3.56
C GLN A 594 -32.21 -26.54 2.64
N GLN A 595 -31.64 -26.53 1.44
CA GLN A 595 -31.87 -27.61 0.47
C GLN A 595 -30.88 -28.77 0.66
N TRP A 596 -30.98 -29.44 1.81
CA TRP A 596 -30.05 -30.51 2.17
C TRP A 596 -30.20 -31.72 1.28
N ASP A 597 -31.42 -31.97 0.83
CA ASP A 597 -31.70 -33.06 -0.10
C ASP A 597 -30.93 -32.84 -1.40
N LYS A 598 -31.07 -31.64 -1.97
CA LYS A 598 -30.40 -31.29 -3.21
C LYS A 598 -28.88 -31.39 -3.10
N ALA A 599 -28.35 -30.98 -1.95
CA ALA A 599 -26.90 -30.99 -1.76
C ALA A 599 -26.39 -32.42 -1.70
N THR A 600 -27.14 -33.30 -1.06
CA THR A 600 -26.75 -34.70 -1.01
C THR A 600 -26.83 -35.35 -2.40
N ARG A 601 -27.85 -34.98 -3.16
N ARG A 601 -27.84 -34.98 -3.17
CA ARG A 601 -28.03 -35.44 -4.53
CA ARG A 601 -27.97 -35.51 -4.53
C ARG A 601 -26.84 -35.04 -5.40
C ARG A 601 -26.80 -35.05 -5.41
N LEU A 602 -26.42 -33.78 -5.27
CA LEU A 602 -25.29 -33.25 -6.01
C LEU A 602 -24.02 -34.04 -5.66
N CYS A 603 -23.79 -34.28 -4.37
CA CYS A 603 -22.58 -34.97 -3.96
C CYS A 603 -22.60 -36.44 -4.41
N ARG A 604 -23.77 -37.06 -4.41
CA ARG A 604 -23.89 -38.44 -4.88
C ARG A 604 -23.59 -38.51 -6.38
N PHE A 605 -23.85 -37.42 -7.08
CA PHE A 605 -23.71 -37.37 -8.54
C PHE A 605 -22.25 -37.13 -8.93
N ILE A 606 -21.55 -36.30 -8.18
CA ILE A 606 -20.18 -35.96 -8.55
C ILE A 606 -19.12 -36.85 -7.87
N LYS A 607 -19.53 -37.63 -6.87
CA LYS A 607 -18.64 -38.57 -6.18
C LYS A 607 -17.26 -37.97 -5.88
N ASP A 608 -17.27 -36.77 -5.30
CA ASP A 608 -16.07 -36.03 -5.00
C ASP A 608 -15.88 -36.01 -3.49
N PRO A 609 -14.84 -36.70 -2.99
CA PRO A 609 -14.63 -36.84 -1.54
C PRO A 609 -14.46 -35.49 -0.81
N THR A 610 -13.86 -34.50 -1.47
CA THR A 610 -13.67 -33.24 -0.79
C THR A 610 -14.99 -32.48 -0.68
N MET A 611 -15.91 -32.71 -1.62
CA MET A 611 -17.22 -32.07 -1.51
C MET A 611 -18.08 -32.82 -0.50
N TRP A 612 -17.96 -34.14 -0.44
CA TRP A 612 -18.62 -34.91 0.62
C TRP A 612 -18.17 -34.39 2.00
N ALA A 613 -16.87 -34.12 2.15
CA ALA A 613 -16.33 -33.62 3.42
C ALA A 613 -16.84 -32.21 3.74
N THR A 614 -16.92 -31.37 2.72
CA THR A 614 -17.47 -30.02 2.89
C THR A 614 -18.92 -30.07 3.33
N LEU A 615 -19.72 -30.93 2.69
CA LEU A 615 -21.11 -31.08 3.08
C LEU A 615 -21.24 -31.63 4.50
N ALA A 616 -20.36 -32.55 4.87
CA ALA A 616 -20.38 -33.13 6.20
C ALA A 616 -20.10 -32.04 7.25
N ALA A 617 -19.14 -31.18 6.94
CA ALA A 617 -18.82 -30.05 7.82
C ALA A 617 -20.02 -29.11 7.95
N MET A 618 -20.63 -28.76 6.83
CA MET A 618 -21.83 -27.93 6.85
C MET A 618 -22.94 -28.58 7.67
N ALA A 619 -23.15 -29.87 7.44
CA ALA A 619 -24.24 -30.57 8.10
C ALA A 619 -24.01 -30.62 9.60
N MET A 620 -22.78 -30.92 10.03
CA MET A 620 -22.49 -31.01 11.46
C MET A 620 -22.71 -29.65 12.14
N ALA A 621 -22.30 -28.58 11.48
CA ALA A 621 -22.47 -27.23 12.04
C ALA A 621 -23.95 -26.86 12.16
N ALA A 622 -24.77 -27.34 11.22
CA ALA A 622 -26.22 -27.08 11.25
C ALA A 622 -26.93 -28.11 12.11
N LYS A 623 -26.16 -29.13 12.52
CA LYS A 623 -26.71 -30.29 13.20
C LYS A 623 -27.78 -31.02 12.39
N GLU A 624 -27.59 -31.06 11.07
CA GLU A 624 -28.36 -31.98 10.22
C GLU A 624 -27.68 -33.35 10.26
N LEU A 625 -28.02 -34.15 11.26
CA LEU A 625 -27.29 -35.38 11.53
C LEU A 625 -27.49 -36.46 10.47
N ASN A 626 -28.70 -36.56 9.92
CA ASN A 626 -28.96 -37.51 8.84
C ASN A 626 -28.01 -37.26 7.66
N THR A 627 -27.94 -36.00 7.22
CA THR A 627 -27.05 -35.60 6.14
C THR A 627 -25.57 -35.86 6.46
N ALA A 628 -25.12 -35.47 7.65
CA ALA A 628 -23.74 -35.69 8.04
C ALA A 628 -23.39 -37.17 7.97
N GLU A 629 -24.32 -38.01 8.43
CA GLU A 629 -24.12 -39.46 8.41
C GLU A 629 -23.93 -39.95 6.98
N VAL A 630 -24.78 -39.51 6.08
CA VAL A 630 -24.65 -39.88 4.66
C VAL A 630 -23.28 -39.48 4.14
N ALA A 631 -22.86 -38.26 4.47
CA ALA A 631 -21.60 -37.74 3.98
C ALA A 631 -20.40 -38.52 4.52
N PHE A 632 -20.38 -38.74 5.83
CA PHE A 632 -19.29 -39.51 6.43
C PHE A 632 -19.27 -40.95 5.89
N ALA A 633 -20.45 -41.56 5.75
CA ALA A 633 -20.55 -42.87 5.13
C ALA A 633 -19.89 -42.90 3.76
N ALA A 634 -20.16 -41.88 2.94
CA ALA A 634 -19.62 -41.78 1.59
C ALA A 634 -18.10 -41.65 1.60
N ILE A 635 -17.60 -40.88 2.55
CA ILE A 635 -16.15 -40.66 2.69
C ILE A 635 -15.45 -41.94 3.14
N ASP A 636 -16.00 -42.57 4.17
CA ASP A 636 -15.41 -43.81 4.68
C ASP A 636 -15.53 -44.93 3.65
N GLU A 637 -16.43 -44.76 2.69
CA GLU A 637 -16.68 -45.79 1.70
C GLU A 637 -15.55 -45.89 0.68
N VAL A 638 -15.04 -44.75 0.25
CA VAL A 638 -13.98 -44.70 -0.76
C VAL A 638 -12.65 -45.17 -0.18
N ASP A 639 -12.58 -45.23 1.15
CA ASP A 639 -11.37 -45.68 1.83
C ASP A 639 -11.34 -47.20 1.96
#